data_5GSK
# 
_entry.id   5GSK 
# 
_audit_conform.dict_name       mmcif_pdbx.dic 
_audit_conform.dict_version    5.387 
_audit_conform.dict_location   http://mmcif.pdb.org/dictionaries/ascii/mmcif_pdbx.dic 
# 
loop_
_database_2.database_id 
_database_2.database_code 
_database_2.pdbx_database_accession 
_database_2.pdbx_DOI 
PDB   5GSK         pdb_00005gsk 10.2210/pdb5gsk/pdb 
WWPDB D_1300001371 ?            ?                   
# 
loop_
_pdbx_audit_revision_history.ordinal 
_pdbx_audit_revision_history.data_content_type 
_pdbx_audit_revision_history.major_revision 
_pdbx_audit_revision_history.minor_revision 
_pdbx_audit_revision_history.revision_date 
1 'Structure model' 1 0 2017-02-08 
2 'Structure model' 1 1 2017-05-03 
3 'Structure model' 1 2 2018-02-07 
4 'Structure model' 1 3 2024-03-20 
# 
_pdbx_audit_revision_details.ordinal             1 
_pdbx_audit_revision_details.revision_ordinal    1 
_pdbx_audit_revision_details.data_content_type   'Structure model' 
_pdbx_audit_revision_details.provider            repository 
_pdbx_audit_revision_details.type                'Initial release' 
_pdbx_audit_revision_details.description         ? 
_pdbx_audit_revision_details.details             ? 
# 
loop_
_pdbx_audit_revision_group.ordinal 
_pdbx_audit_revision_group.revision_ordinal 
_pdbx_audit_revision_group.data_content_type 
_pdbx_audit_revision_group.group 
1 2 'Structure model' 'Database references'      
2 3 'Structure model' 'Experimental preparation' 
3 4 'Structure model' 'Data collection'          
4 4 'Structure model' 'Database references'      
5 4 'Structure model' 'Derived calculations'     
# 
loop_
_pdbx_audit_revision_category.ordinal 
_pdbx_audit_revision_category.revision_ordinal 
_pdbx_audit_revision_category.data_content_type 
_pdbx_audit_revision_category.category 
1 3 'Structure model' exptl_crystal_grow     
2 4 'Structure model' chem_comp_atom         
3 4 'Structure model' chem_comp_bond         
4 4 'Structure model' database_2             
5 4 'Structure model' pdbx_struct_conn_angle 
6 4 'Structure model' struct_conn            
# 
loop_
_pdbx_audit_revision_item.ordinal 
_pdbx_audit_revision_item.revision_ordinal 
_pdbx_audit_revision_item.data_content_type 
_pdbx_audit_revision_item.item 
1  3 'Structure model' '_exptl_crystal_grow.temp'                   
2  4 'Structure model' '_database_2.pdbx_DOI'                       
3  4 'Structure model' '_database_2.pdbx_database_accession'        
4  4 'Structure model' '_pdbx_struct_conn_angle.ptnr1_auth_seq_id'  
5  4 'Structure model' '_pdbx_struct_conn_angle.ptnr1_label_seq_id' 
6  4 'Structure model' '_pdbx_struct_conn_angle.ptnr1_symmetry'     
7  4 'Structure model' '_pdbx_struct_conn_angle.ptnr3_auth_seq_id'  
8  4 'Structure model' '_pdbx_struct_conn_angle.ptnr3_label_seq_id' 
9  4 'Structure model' '_pdbx_struct_conn_angle.ptnr3_symmetry'     
10 4 'Structure model' '_pdbx_struct_conn_angle.value'              
11 4 'Structure model' '_struct_conn.pdbx_dist_value'               
12 4 'Structure model' '_struct_conn.ptnr1_auth_seq_id'             
13 4 'Structure model' '_struct_conn.ptnr1_label_seq_id'            
14 4 'Structure model' '_struct_conn.ptnr1_symmetry'                
15 4 'Structure model' '_struct_conn.ptnr2_symmetry'                
# 
_pdbx_database_status.status_code                     REL 
_pdbx_database_status.status_code_sf                  REL 
_pdbx_database_status.status_code_mr                  ? 
_pdbx_database_status.entry_id                        5GSK 
_pdbx_database_status.recvd_initial_deposition_date   2016-08-16 
_pdbx_database_status.SG_entry                        N 
_pdbx_database_status.deposit_site                    PDBJ 
_pdbx_database_status.process_site                    PDBJ 
_pdbx_database_status.status_code_cs                  ? 
_pdbx_database_status.methods_development_category    ? 
_pdbx_database_status.pdb_format_compatible           Y 
_pdbx_database_status.status_code_nmr_data            ? 
# 
loop_
_pdbx_database_related.content_type 
_pdbx_database_related.db_id 
_pdbx_database_related.db_name 
_pdbx_database_related.details 
unspecified 5GSG PDB . 
unspecified 5GSH PDB . 
unspecified 5GSI PDB . 
unspecified 5GSJ PDB . 
# 
loop_
_audit_author.name 
_audit_author.pdbx_ordinal 
'Liu, H.H.'   1  
'Wang, R.'    2  
'Yao, Q.Q.'   3  
'Cheng, Y.Q.' 4  
'Yang, C.'    5  
'Luo, Q.'     6  
'Wu, B.X.'    7  
'Li, J.X.'    8  
'Ma, J.B.'    9  
'Sheng, J.'   10 
'Gan, J.H.'   11 
# 
_citation.abstract                  ? 
_citation.abstract_id_CAS           ? 
_citation.book_id_ISBN              ? 
_citation.book_publisher            ? 
_citation.book_publisher_city       ? 
_citation.book_title                ? 
_citation.coordinate_linkage        ? 
_citation.country                   UK 
_citation.database_id_Medline       ? 
_citation.details                   ? 
_citation.id                        primary 
_citation.journal_abbrev            'Nucleic Acids Res.' 
_citation.journal_id_ASTM           NARHAD 
_citation.journal_id_CSD            0389 
_citation.journal_id_ISSN           1362-4962 
_citation.journal_full              ? 
_citation.journal_issue             ? 
_citation.journal_volume            45 
_citation.language                  ? 
_citation.page_first                2910 
_citation.page_last                 2918 
_citation.title                     'Flexibility and stabilization of HgII-mediated C:T and T:T base pairs in DNA duplex' 
_citation.year                      2017 
_citation.database_id_CSD           ? 
_citation.pdbx_database_id_DOI      10.1093/nar/gkw1296 
_citation.pdbx_database_id_PubMed   27998930 
_citation.unpublished_flag          ? 
# 
loop_
_citation_author.citation_id 
_citation_author.name 
_citation_author.ordinal 
_citation_author.identifier_ORCID 
primary 'Liu, H.H.'           1  ? 
primary 'Cai, C.'             2  ? 
primary 'Haruehanroengra, P.' 3  ? 
primary 'Yao, Q.Q.'           4  ? 
primary 'Chen, Y.Q.'          5  ? 
primary 'Yang, C.'            6  ? 
primary 'Luo, Q.'             7  ? 
primary 'Wu, B.X.'            8  ? 
primary 'Li, J.X.'            9  ? 
primary 'Ma, J.B.'            10 ? 
primary 'Sheng, J.'           11 ? 
primary 'Gan, J.H.'           12 ? 
# 
loop_
_entity.id 
_entity.type 
_entity.src_method 
_entity.pdbx_description 
_entity.formula_weight 
_entity.pdbx_number_of_molecules 
_entity.pdbx_ec 
_entity.pdbx_mutation 
_entity.pdbx_fragment 
_entity.details 
1 polymer     syn 
;DNA (5'-D(*GP*GP*TP*CP*GP*TP*CP*C)-3')
;
2418.591 1  ? ? ? ? 
2 non-polymer syn 'MERCURY (II) ION'                       200.590  1  ? ? ? ? 
3 non-polymer syn 'STRONTIUM ION'                          87.620   1  ? ? ? ? 
4 water       nat water                                    18.015   44 ? ? ? ? 
# 
_entity_poly.entity_id                      1 
_entity_poly.type                           polydeoxyribonucleotide 
_entity_poly.nstd_linkage                   no 
_entity_poly.nstd_monomer                   no 
_entity_poly.pdbx_seq_one_letter_code       '(DG)(DG)(DT)(DC)(DG)(DT)(DC)(DC)' 
_entity_poly.pdbx_seq_one_letter_code_can   GGTCGTCC 
_entity_poly.pdbx_strand_id                 A 
_entity_poly.pdbx_target_identifier         ? 
# 
loop_
_pdbx_entity_nonpoly.entity_id 
_pdbx_entity_nonpoly.name 
_pdbx_entity_nonpoly.comp_id 
2 'MERCURY (II) ION' HG  
3 'STRONTIUM ION'    SR  
4 water              HOH 
# 
loop_
_entity_poly_seq.entity_id 
_entity_poly_seq.num 
_entity_poly_seq.mon_id 
_entity_poly_seq.hetero 
1 1 DG n 
1 2 DG n 
1 3 DT n 
1 4 DC n 
1 5 DG n 
1 6 DT n 
1 7 DC n 
1 8 DC n 
# 
_pdbx_entity_src_syn.entity_id              1 
_pdbx_entity_src_syn.pdbx_src_id            1 
_pdbx_entity_src_syn.pdbx_alt_source_flag   sample 
_pdbx_entity_src_syn.pdbx_beg_seq_num       1 
_pdbx_entity_src_syn.pdbx_end_seq_num       8 
_pdbx_entity_src_syn.organism_scientific    unidentified 
_pdbx_entity_src_syn.organism_common_name   ? 
_pdbx_entity_src_syn.ncbi_taxonomy_id       32644 
_pdbx_entity_src_syn.details                ? 
# 
loop_
_chem_comp.id 
_chem_comp.type 
_chem_comp.mon_nstd_flag 
_chem_comp.name 
_chem_comp.pdbx_synonyms 
_chem_comp.formula 
_chem_comp.formula_weight 
DC  'DNA linking' y "2'-DEOXYCYTIDINE-5'-MONOPHOSPHATE"  ? 'C9 H14 N3 O7 P'  307.197 
DG  'DNA linking' y "2'-DEOXYGUANOSINE-5'-MONOPHOSPHATE" ? 'C10 H14 N5 O7 P' 347.221 
DT  'DNA linking' y "THYMIDINE-5'-MONOPHOSPHATE"         ? 'C10 H15 N2 O8 P' 322.208 
HG  non-polymer   . 'MERCURY (II) ION'                   ? 'Hg 2'            200.590 
HOH non-polymer   . WATER                                ? 'H2 O'            18.015  
SR  non-polymer   . 'STRONTIUM ION'                      ? 'Sr 2'            87.620  
# 
loop_
_pdbx_poly_seq_scheme.asym_id 
_pdbx_poly_seq_scheme.entity_id 
_pdbx_poly_seq_scheme.seq_id 
_pdbx_poly_seq_scheme.mon_id 
_pdbx_poly_seq_scheme.ndb_seq_num 
_pdbx_poly_seq_scheme.pdb_seq_num 
_pdbx_poly_seq_scheme.auth_seq_num 
_pdbx_poly_seq_scheme.pdb_mon_id 
_pdbx_poly_seq_scheme.auth_mon_id 
_pdbx_poly_seq_scheme.pdb_strand_id 
_pdbx_poly_seq_scheme.pdb_ins_code 
_pdbx_poly_seq_scheme.hetero 
A 1 1 DG 1 1 1 DG DG A . n 
A 1 2 DG 2 2 2 DG DG A . n 
A 1 3 DT 3 3 3 DT DT A . n 
A 1 4 DC 4 4 4 DC DC A . n 
A 1 5 DG 5 5 5 DG DG A . n 
A 1 6 DT 6 6 6 DT DT A . n 
A 1 7 DC 7 7 7 DC DC A . n 
A 1 8 DC 8 8 8 DC DC A . n 
# 
loop_
_pdbx_nonpoly_scheme.asym_id 
_pdbx_nonpoly_scheme.entity_id 
_pdbx_nonpoly_scheme.mon_id 
_pdbx_nonpoly_scheme.ndb_seq_num 
_pdbx_nonpoly_scheme.pdb_seq_num 
_pdbx_nonpoly_scheme.auth_seq_num 
_pdbx_nonpoly_scheme.pdb_mon_id 
_pdbx_nonpoly_scheme.auth_mon_id 
_pdbx_nonpoly_scheme.pdb_strand_id 
_pdbx_nonpoly_scheme.pdb_ins_code 
B 2 HG  1  101 1  HG  HG  A . 
C 3 SR  1  102 1  SR  SR  A . 
D 4 HOH 1  201 8  HOH HOH A . 
D 4 HOH 2  202 6  HOH HOH A . 
D 4 HOH 3  203 28 HOH HOH A . 
D 4 HOH 4  204 31 HOH HOH A . 
D 4 HOH 5  205 41 HOH HOH A . 
D 4 HOH 6  206 24 HOH HOH A . 
D 4 HOH 7  207 13 HOH HOH A . 
D 4 HOH 8  208 17 HOH HOH A . 
D 4 HOH 9  209 18 HOH HOH A . 
D 4 HOH 10 210 20 HOH HOH A . 
D 4 HOH 11 211 10 HOH HOH A . 
D 4 HOH 12 212 5  HOH HOH A . 
D 4 HOH 13 213 7  HOH HOH A . 
D 4 HOH 14 214 22 HOH HOH A . 
D 4 HOH 15 215 14 HOH HOH A . 
D 4 HOH 16 216 30 HOH HOH A . 
D 4 HOH 17 217 9  HOH HOH A . 
D 4 HOH 18 218 11 HOH HOH A . 
D 4 HOH 19 219 32 HOH HOH A . 
D 4 HOH 20 220 12 HOH HOH A . 
D 4 HOH 21 221 15 HOH HOH A . 
D 4 HOH 22 222 2  HOH HOH A . 
D 4 HOH 23 223 19 HOH HOH A . 
D 4 HOH 24 224 39 HOH HOH A . 
D 4 HOH 25 225 1  HOH HOH A . 
D 4 HOH 26 226 3  HOH HOH A . 
D 4 HOH 27 227 4  HOH HOH A . 
D 4 HOH 28 228 26 HOH HOH A . 
D 4 HOH 29 229 44 HOH HOH A . 
D 4 HOH 30 230 16 HOH HOH A . 
D 4 HOH 31 231 38 HOH HOH A . 
D 4 HOH 32 232 27 HOH HOH A . 
D 4 HOH 33 233 29 HOH HOH A . 
D 4 HOH 34 234 23 HOH HOH A . 
D 4 HOH 35 235 25 HOH HOH A . 
D 4 HOH 36 236 21 HOH HOH A . 
D 4 HOH 37 237 35 HOH HOH A . 
D 4 HOH 38 238 33 HOH HOH A . 
D 4 HOH 39 239 36 HOH HOH A . 
D 4 HOH 40 240 42 HOH HOH A . 
D 4 HOH 41 241 37 HOH HOH A . 
D 4 HOH 42 242 40 HOH HOH A . 
D 4 HOH 43 243 43 HOH HOH A . 
D 4 HOH 44 244 34 HOH HOH A . 
# 
loop_
_software.citation_id 
_software.classification 
_software.compiler_name 
_software.compiler_version 
_software.contact_author 
_software.contact_author_email 
_software.date 
_software.description 
_software.dependencies 
_software.hardware 
_software.language 
_software.location 
_software.mods 
_software.name 
_software.os 
_software.os_version 
_software.type 
_software.version 
_software.pdbx_ordinal 
? refinement       ? ? ? ? ? ? ? ? ? ? ? REFMAC   ? ? ? 5.7.0029 1 
? 'data reduction' ? ? ? ? ? ? ? ? ? ? ? HKL-3000 ? ? ? .        2 
? 'data scaling'   ? ? ? ? ? ? ? ? ? ? ? HKL-3000 ? ? ? .        3 
? phasing          ? ? ? ? ? ? ? ? ? ? ? SHELXDE  ? ? ? .        4 
# 
_cell.angle_alpha                  90.00 
_cell.angle_alpha_esd              ? 
_cell.angle_beta                   90.00 
_cell.angle_beta_esd               ? 
_cell.angle_gamma                  90.00 
_cell.angle_gamma_esd              ? 
_cell.entry_id                     5GSK 
_cell.details                      ? 
_cell.formula_units_Z              ? 
_cell.length_a                     40.318 
_cell.length_a_esd                 ? 
_cell.length_b                     40.318 
_cell.length_b_esd                 ? 
_cell.length_c                     24.980 
_cell.length_c_esd                 ? 
_cell.volume                       ? 
_cell.volume_esd                   ? 
_cell.Z_PDB                        8 
_cell.reciprocal_angle_alpha       ? 
_cell.reciprocal_angle_beta        ? 
_cell.reciprocal_angle_gamma       ? 
_cell.reciprocal_angle_alpha_esd   ? 
_cell.reciprocal_angle_beta_esd    ? 
_cell.reciprocal_angle_gamma_esd   ? 
_cell.reciprocal_length_a          ? 
_cell.reciprocal_length_b          ? 
_cell.reciprocal_length_c          ? 
_cell.reciprocal_length_a_esd      ? 
_cell.reciprocal_length_b_esd      ? 
_cell.reciprocal_length_c_esd      ? 
_cell.pdbx_unique_axis             ? 
# 
_symmetry.entry_id                         5GSK 
_symmetry.cell_setting                     ? 
_symmetry.Int_Tables_number                96 
_symmetry.space_group_name_Hall            ? 
_symmetry.space_group_name_H-M             'P 43 21 2' 
_symmetry.pdbx_full_space_group_name_H-M   ? 
# 
_exptl.absorpt_coefficient_mu     ? 
_exptl.absorpt_correction_T_max   ? 
_exptl.absorpt_correction_T_min   ? 
_exptl.absorpt_correction_type    ? 
_exptl.absorpt_process_details    ? 
_exptl.entry_id                   5GSK 
_exptl.crystals_number            1 
_exptl.details                    ? 
_exptl.method                     'X-RAY DIFFRACTION' 
_exptl.method_details             ? 
# 
_exptl_crystal.colour                      ? 
_exptl_crystal.density_diffrn              ? 
_exptl_crystal.density_Matthews            2.10 
_exptl_crystal.density_method              ? 
_exptl_crystal.density_percent_sol         41.39 
_exptl_crystal.description                 ? 
_exptl_crystal.F_000                       ? 
_exptl_crystal.id                          1 
_exptl_crystal.preparation                 ? 
_exptl_crystal.size_max                    ? 
_exptl_crystal.size_mid                    ? 
_exptl_crystal.size_min                    ? 
_exptl_crystal.size_rad                    ? 
_exptl_crystal.colour_lustre               ? 
_exptl_crystal.colour_modifier             ? 
_exptl_crystal.colour_primary              ? 
_exptl_crystal.density_meas                ? 
_exptl_crystal.density_meas_esd            ? 
_exptl_crystal.density_meas_gt             ? 
_exptl_crystal.density_meas_lt             ? 
_exptl_crystal.density_meas_temp           ? 
_exptl_crystal.density_meas_temp_esd       ? 
_exptl_crystal.density_meas_temp_gt        ? 
_exptl_crystal.density_meas_temp_lt        ? 
_exptl_crystal.pdbx_crystal_image_url      ? 
_exptl_crystal.pdbx_crystal_image_format   ? 
_exptl_crystal.pdbx_mosaicity              ? 
_exptl_crystal.pdbx_mosaicity_esd          ? 
# 
_exptl_crystal_grow.apparatus       ? 
_exptl_crystal_grow.atmosphere      ? 
_exptl_crystal_grow.crystal_id      1 
_exptl_crystal_grow.details         ? 
_exptl_crystal_grow.method          'VAPOR DIFFUSION, HANGING DROP' 
_exptl_crystal_grow.method_ref      ? 
_exptl_crystal_grow.pH              7.0 
_exptl_crystal_grow.pressure        ? 
_exptl_crystal_grow.pressure_esd    ? 
_exptl_crystal_grow.seeding         ? 
_exptl_crystal_grow.seeding_ref     ? 
_exptl_crystal_grow.temp            293 
_exptl_crystal_grow.temp_details    ? 
_exptl_crystal_grow.temp_esd        ? 
_exptl_crystal_grow.time            ? 
_exptl_crystal_grow.pdbx_details    '10% v/v MPD, 40 mM Sodium cacodylate, 12 mM Spermine tetra-HCl, 40 mM LiCl, 80 mM SrCl2' 
_exptl_crystal_grow.pdbx_pH_range   ? 
# 
_diffrn.ambient_environment    ? 
_diffrn.ambient_temp           100 
_diffrn.ambient_temp_details   ? 
_diffrn.ambient_temp_esd       ? 
_diffrn.crystal_id             1 
_diffrn.crystal_support        ? 
_diffrn.crystal_treatment      ? 
_diffrn.details                ? 
_diffrn.id                     1 
_diffrn.ambient_pressure       ? 
_diffrn.ambient_pressure_esd   ? 
_diffrn.ambient_pressure_gt    ? 
_diffrn.ambient_pressure_lt    ? 
_diffrn.ambient_temp_gt        ? 
_diffrn.ambient_temp_lt        ? 
# 
_diffrn_detector.details                      ? 
_diffrn_detector.detector                     CCD 
_diffrn_detector.diffrn_id                    1 
_diffrn_detector.type                         'ADSC QUANTUM 315r' 
_diffrn_detector.area_resol_mean              ? 
_diffrn_detector.dtime                        ? 
_diffrn_detector.pdbx_frames_total            ? 
_diffrn_detector.pdbx_collection_time_total   ? 
_diffrn_detector.pdbx_collection_date         2013-06-05 
# 
_diffrn_radiation.collimation                      ? 
_diffrn_radiation.diffrn_id                        1 
_diffrn_radiation.filter_edge                      ? 
_diffrn_radiation.inhomogeneity                    ? 
_diffrn_radiation.monochromator                    ? 
_diffrn_radiation.polarisn_norm                    ? 
_diffrn_radiation.polarisn_ratio                   ? 
_diffrn_radiation.probe                            ? 
_diffrn_radiation.type                             ? 
_diffrn_radiation.xray_symbol                      ? 
_diffrn_radiation.wavelength_id                    1 
_diffrn_radiation.pdbx_monochromatic_or_laue_m_l   M 
_diffrn_radiation.pdbx_wavelength_list             ? 
_diffrn_radiation.pdbx_wavelength                  ? 
_diffrn_radiation.pdbx_diffrn_protocol             'SINGLE WAVELENGTH' 
_diffrn_radiation.pdbx_analyzer                    ? 
_diffrn_radiation.pdbx_scattering_type             x-ray 
# 
_diffrn_radiation_wavelength.id           1 
_diffrn_radiation_wavelength.wavelength   0.97928 
_diffrn_radiation_wavelength.wt           1.0 
# 
_diffrn_source.current                     ? 
_diffrn_source.details                     ? 
_diffrn_source.diffrn_id                   1 
_diffrn_source.power                       ? 
_diffrn_source.size                        ? 
_diffrn_source.source                      SYNCHROTRON 
_diffrn_source.target                      ? 
_diffrn_source.type                        'SSRF BEAMLINE BL17U' 
_diffrn_source.voltage                     ? 
_diffrn_source.take-off_angle              ? 
_diffrn_source.pdbx_wavelength_list        0.97928 
_diffrn_source.pdbx_wavelength             ? 
_diffrn_source.pdbx_synchrotron_beamline   BL17U 
_diffrn_source.pdbx_synchrotron_site       SSRF 
# 
_reflns.B_iso_Wilson_estimate            ? 
_reflns.entry_id                         5GSK 
_reflns.data_reduction_details           ? 
_reflns.data_reduction_method            ? 
_reflns.d_resolution_high                1.05 
_reflns.d_resolution_low                 30 
_reflns.details                          ? 
_reflns.limit_h_max                      ? 
_reflns.limit_h_min                      ? 
_reflns.limit_k_max                      ? 
_reflns.limit_k_min                      ? 
_reflns.limit_l_max                      ? 
_reflns.limit_l_min                      ? 
_reflns.number_all                       ? 
_reflns.number_obs                       9769 
_reflns.observed_criterion               ? 
_reflns.observed_criterion_F_max         ? 
_reflns.observed_criterion_F_min         ? 
_reflns.observed_criterion_I_max         ? 
_reflns.observed_criterion_I_min         ? 
_reflns.observed_criterion_sigma_F       ? 
_reflns.observed_criterion_sigma_I       ? 
_reflns.percent_possible_obs             96.4 
_reflns.R_free_details                   ? 
_reflns.Rmerge_F_all                     ? 
_reflns.Rmerge_F_obs                     ? 
_reflns.Friedel_coverage                 ? 
_reflns.number_gt                        ? 
_reflns.threshold_expression             ? 
_reflns.pdbx_redundancy                  6.9 
_reflns.pdbx_Rmerge_I_obs                ? 
_reflns.pdbx_Rmerge_I_all                ? 
_reflns.pdbx_Rsym_value                  ? 
_reflns.pdbx_netI_over_av_sigmaI         ? 
_reflns.pdbx_netI_over_sigmaI            16.8 
_reflns.pdbx_res_netI_over_av_sigmaI_2   ? 
_reflns.pdbx_res_netI_over_sigmaI_2      ? 
_reflns.pdbx_chi_squared                 ? 
_reflns.pdbx_scaling_rejects             ? 
_reflns.pdbx_d_res_high_opt              ? 
_reflns.pdbx_d_res_low_opt               ? 
_reflns.pdbx_d_res_opt_method            ? 
_reflns.phase_calculation_details        ? 
_reflns.pdbx_Rrim_I_all                  ? 
_reflns.pdbx_Rpim_I_all                  ? 
_reflns.pdbx_d_opt                       ? 
_reflns.pdbx_number_measured_all         ? 
_reflns.pdbx_diffrn_id                   1 
_reflns.pdbx_ordinal                     1 
_reflns.pdbx_CC_half                     ? 
_reflns.pdbx_R_split                     ? 
# 
_reflns_shell.d_res_high                  . 
_reflns_shell.d_res_low                   ? 
_reflns_shell.meanI_over_sigI_all         ? 
_reflns_shell.meanI_over_sigI_obs         ? 
_reflns_shell.number_measured_all         ? 
_reflns_shell.number_measured_obs         ? 
_reflns_shell.number_possible             ? 
_reflns_shell.number_unique_all           ? 
_reflns_shell.number_unique_obs           ? 
_reflns_shell.percent_possible_all        ? 
_reflns_shell.percent_possible_obs        ? 
_reflns_shell.Rmerge_F_all                ? 
_reflns_shell.Rmerge_F_obs                ? 
_reflns_shell.Rmerge_I_all                ? 
_reflns_shell.Rmerge_I_obs                ? 
_reflns_shell.meanI_over_sigI_gt          ? 
_reflns_shell.meanI_over_uI_all           ? 
_reflns_shell.meanI_over_uI_gt            ? 
_reflns_shell.number_measured_gt          ? 
_reflns_shell.number_unique_gt            ? 
_reflns_shell.percent_possible_gt         ? 
_reflns_shell.Rmerge_F_gt                 ? 
_reflns_shell.Rmerge_I_gt                 ? 
_reflns_shell.pdbx_redundancy             ? 
_reflns_shell.pdbx_Rsym_value             ? 
_reflns_shell.pdbx_chi_squared            ? 
_reflns_shell.pdbx_netI_over_sigmaI_all   ? 
_reflns_shell.pdbx_netI_over_sigmaI_obs   ? 
_reflns_shell.pdbx_Rrim_I_all             ? 
_reflns_shell.pdbx_Rpim_I_all             ? 
_reflns_shell.pdbx_rejects                ? 
_reflns_shell.pdbx_ordinal                1 
_reflns_shell.pdbx_diffrn_id              1 
_reflns_shell.pdbx_CC_half                ? 
_reflns_shell.pdbx_R_split                ? 
# 
_refine.aniso_B[1][1]                            0.26 
_refine.aniso_B[1][2]                            0.00 
_refine.aniso_B[1][3]                            0.00 
_refine.aniso_B[2][2]                            0.26 
_refine.aniso_B[2][3]                            0.00 
_refine.aniso_B[3][3]                            -0.52 
_refine.B_iso_max                                ? 
_refine.B_iso_mean                               21.342 
_refine.B_iso_min                                ? 
_refine.correlation_coeff_Fo_to_Fc               0.981 
_refine.correlation_coeff_Fo_to_Fc_free          0.979 
_refine.details                                  'HYDROGENS HAVE BEEN ADDED IN THE RIDING POSITIONS' 
_refine.diff_density_max                         ? 
_refine.diff_density_max_esd                     ? 
_refine.diff_density_min                         ? 
_refine.diff_density_min_esd                     ? 
_refine.diff_density_rms                         ? 
_refine.diff_density_rms_esd                     ? 
_refine.entry_id                                 5GSK 
_refine.pdbx_refine_id                           'X-RAY DIFFRACTION' 
_refine.ls_abs_structure_details                 ? 
_refine.ls_abs_structure_Flack                   ? 
_refine.ls_abs_structure_Flack_esd               ? 
_refine.ls_abs_structure_Rogers                  ? 
_refine.ls_abs_structure_Rogers_esd              ? 
_refine.ls_d_res_high                            1.05 
_refine.ls_d_res_low                             18.80 
_refine.ls_extinction_coef                       ? 
_refine.ls_extinction_coef_esd                   ? 
_refine.ls_extinction_expression                 ? 
_refine.ls_extinction_method                     ? 
_refine.ls_goodness_of_fit_all                   ? 
_refine.ls_goodness_of_fit_all_esd               ? 
_refine.ls_goodness_of_fit_obs                   ? 
_refine.ls_goodness_of_fit_obs_esd               ? 
_refine.ls_hydrogen_treatment                    ? 
_refine.ls_matrix_type                           ? 
_refine.ls_number_constraints                    ? 
_refine.ls_number_parameters                     ? 
_refine.ls_number_reflns_all                     ? 
_refine.ls_number_reflns_obs                     8921 
_refine.ls_number_reflns_R_free                  444 
_refine.ls_number_reflns_R_work                  ? 
_refine.ls_number_restraints                     ? 
_refine.ls_percent_reflns_obs                    93.27 
_refine.ls_percent_reflns_R_free                 4.7 
_refine.ls_R_factor_all                          ? 
_refine.ls_R_factor_obs                          0.14374 
_refine.ls_R_factor_R_free                       0.15577 
_refine.ls_R_factor_R_free_error                 ? 
_refine.ls_R_factor_R_free_error_details         ? 
_refine.ls_R_factor_R_work                       0.14038 
_refine.ls_R_Fsqd_factor_obs                     ? 
_refine.ls_R_I_factor_obs                        ? 
_refine.ls_redundancy_reflns_all                 ? 
_refine.ls_redundancy_reflns_obs                 ? 
_refine.ls_restrained_S_all                      ? 
_refine.ls_restrained_S_obs                      ? 
_refine.ls_shift_over_esd_max                    ? 
_refine.ls_shift_over_esd_mean                   ? 
_refine.ls_structure_factor_coef                 ? 
_refine.ls_weighting_details                     ? 
_refine.ls_weighting_scheme                      ? 
_refine.ls_wR_factor_all                         ? 
_refine.ls_wR_factor_obs                         ? 
_refine.ls_wR_factor_R_free                      ? 
_refine.ls_wR_factor_R_work                      ? 
_refine.occupancy_max                            ? 
_refine.occupancy_min                            ? 
_refine.solvent_model_details                    ? 
_refine.solvent_model_param_bsol                 ? 
_refine.solvent_model_param_ksol                 ? 
_refine.ls_R_factor_gt                           ? 
_refine.ls_goodness_of_fit_gt                    ? 
_refine.ls_goodness_of_fit_ref                   ? 
_refine.ls_shift_over_su_max                     ? 
_refine.ls_shift_over_su_max_lt                  ? 
_refine.ls_shift_over_su_mean                    ? 
_refine.ls_shift_over_su_mean_lt                 ? 
_refine.pdbx_ls_sigma_I                          ? 
_refine.pdbx_ls_sigma_F                          ? 
_refine.pdbx_ls_sigma_Fsqd                       ? 
_refine.pdbx_data_cutoff_high_absF               ? 
_refine.pdbx_data_cutoff_high_rms_absF           ? 
_refine.pdbx_data_cutoff_low_absF                ? 
_refine.pdbx_isotropic_thermal_model             ? 
_refine.pdbx_ls_cross_valid_method               THROUGHOUT 
_refine.pdbx_method_to_determine_struct          SAD 
_refine.pdbx_starting_model                      ? 
_refine.pdbx_stereochemistry_target_values       ? 
_refine.pdbx_R_Free_selection_details            RANDOM 
_refine.pdbx_stereochem_target_val_spec_case     ? 
_refine.pdbx_overall_ESU_R                       0.026 
_refine.pdbx_overall_ESU_R_Free                  0.025 
_refine.pdbx_solvent_vdw_probe_radii             1.20 
_refine.pdbx_solvent_ion_probe_radii             0.80 
_refine.pdbx_solvent_shrinkage_radii             0.80 
_refine.pdbx_real_space_R                        ? 
_refine.pdbx_density_correlation                 ? 
_refine.pdbx_pd_number_of_powder_patterns        ? 
_refine.pdbx_pd_number_of_points                 ? 
_refine.pdbx_pd_meas_number_of_points            ? 
_refine.pdbx_pd_proc_ls_prof_R_factor            ? 
_refine.pdbx_pd_proc_ls_prof_wR_factor           ? 
_refine.pdbx_pd_Marquardt_correlation_coeff      ? 
_refine.pdbx_pd_Fsqrd_R_factor                   ? 
_refine.pdbx_pd_ls_matrix_band_width             ? 
_refine.pdbx_overall_phase_error                 ? 
_refine.pdbx_overall_SU_R_free_Cruickshank_DPI   ? 
_refine.pdbx_overall_SU_R_free_Blow_DPI          ? 
_refine.pdbx_overall_SU_R_Blow_DPI               ? 
_refine.pdbx_TLS_residual_ADP_flag               ? 
_refine.pdbx_diffrn_id                           1 
_refine.overall_SU_B                             1.098 
_refine.overall_SU_ML                            0.023 
_refine.overall_SU_R_Cruickshank_DPI             ? 
_refine.overall_SU_R_free                        ? 
_refine.overall_FOM_free_R_set                   ? 
_refine.overall_FOM_work_R_set                   ? 
_refine.pdbx_average_fsc_overall                 ? 
_refine.pdbx_average_fsc_work                    ? 
_refine.pdbx_average_fsc_free                    ? 
# 
_refine_hist.pdbx_refine_id                   'X-RAY DIFFRACTION' 
_refine_hist.cycle_id                         1 
_refine_hist.pdbx_number_atoms_protein        0 
_refine_hist.pdbx_number_atoms_nucleic_acid   160 
_refine_hist.pdbx_number_atoms_ligand         2 
_refine_hist.number_atoms_solvent             44 
_refine_hist.number_atoms_total               206 
_refine_hist.d_res_high                       1.05 
_refine_hist.d_res_low                        18.80 
# 
loop_
_refine_ls_restr.pdbx_refine_id 
_refine_ls_restr.criterion 
_refine_ls_restr.dev_ideal 
_refine_ls_restr.dev_ideal_target 
_refine_ls_restr.number 
_refine_ls_restr.rejects 
_refine_ls_restr.type 
_refine_ls_restr.weight 
_refine_ls_restr.pdbx_restraint_function 
'X-RAY DIFFRACTION' ? 0.004  0.011 178 ? r_bond_refined_d             ? ? 
'X-RAY DIFFRACTION' ? 0.004  0.020 91  ? r_bond_other_d               ? ? 
'X-RAY DIFFRACTION' ? 0.839  1.163 273 ? r_angle_refined_deg          ? ? 
'X-RAY DIFFRACTION' ? 1.379  3.000 215 ? r_angle_other_deg            ? ? 
'X-RAY DIFFRACTION' ? ?      ?     ?   ? r_dihedral_angle_1_deg       ? ? 
'X-RAY DIFFRACTION' ? ?      ?     ?   ? r_dihedral_angle_2_deg       ? ? 
'X-RAY DIFFRACTION' ? ?      ?     ?   ? r_dihedral_angle_3_deg       ? ? 
'X-RAY DIFFRACTION' ? ?      ?     ?   ? r_dihedral_angle_4_deg       ? ? 
'X-RAY DIFFRACTION' ? 0.052  0.200 24  ? r_chiral_restr               ? ? 
'X-RAY DIFFRACTION' ? 0.009  0.020 93  ? r_gen_planes_refined         ? ? 
'X-RAY DIFFRACTION' ? 0.001  0.020 38  ? r_gen_planes_other           ? ? 
'X-RAY DIFFRACTION' ? ?      ?     ?   ? r_nbd_refined                ? ? 
'X-RAY DIFFRACTION' ? ?      ?     ?   ? r_nbd_other                  ? ? 
'X-RAY DIFFRACTION' ? ?      ?     ?   ? r_nbtor_refined              ? ? 
'X-RAY DIFFRACTION' ? ?      ?     ?   ? r_nbtor_other                ? ? 
'X-RAY DIFFRACTION' ? ?      ?     ?   ? r_xyhbond_nbd_refined        ? ? 
'X-RAY DIFFRACTION' ? ?      ?     ?   ? r_xyhbond_nbd_other          ? ? 
'X-RAY DIFFRACTION' ? ?      ?     ?   ? r_metal_ion_refined          ? ? 
'X-RAY DIFFRACTION' ? ?      ?     ?   ? r_metal_ion_other            ? ? 
'X-RAY DIFFRACTION' ? ?      ?     ?   ? r_symmetry_vdw_refined       ? ? 
'X-RAY DIFFRACTION' ? ?      ?     ?   ? r_symmetry_vdw_other         ? ? 
'X-RAY DIFFRACTION' ? ?      ?     ?   ? r_symmetry_hbond_refined     ? ? 
'X-RAY DIFFRACTION' ? ?      ?     ?   ? r_symmetry_hbond_other       ? ? 
'X-RAY DIFFRACTION' ? ?      ?     ?   ? r_symmetry_metal_ion_refined ? ? 
'X-RAY DIFFRACTION' ? ?      ?     ?   ? r_symmetry_metal_ion_other   ? ? 
'X-RAY DIFFRACTION' ? ?      ?     ?   ? r_mcbond_it                  ? ? 
'X-RAY DIFFRACTION' ? ?      ?     ?   ? r_mcbond_other               ? ? 
'X-RAY DIFFRACTION' ? ?      ?     ?   ? r_mcangle_it                 ? ? 
'X-RAY DIFFRACTION' ? ?      ?     ?   ? r_mcangle_other              ? ? 
'X-RAY DIFFRACTION' ? ?      ?     ?   ? r_scbond_it                  ? ? 
'X-RAY DIFFRACTION' ? ?      ?     ?   ? r_scbond_other               ? ? 
'X-RAY DIFFRACTION' ? ?      ?     ?   ? r_scangle_it                 ? ? 
'X-RAY DIFFRACTION' ? ?      ?     ?   ? r_scangle_other              ? ? 
'X-RAY DIFFRACTION' ? ?      ?     ?   ? r_long_range_B_refined       ? ? 
'X-RAY DIFFRACTION' ? ?      ?     ?   ? r_long_range_B_other         ? ? 
'X-RAY DIFFRACTION' ? 1.184  3.000 269 ? r_rigid_bond_restr           ? ? 
'X-RAY DIFFRACTION' ? 59.824 5.000 3   ? r_sphericity_free            ? ? 
'X-RAY DIFFRACTION' ? 9.641  5.000 294 ? r_sphericity_bonded          ? ? 
# 
_refine_ls_shell.pdbx_refine_id                   'X-RAY DIFFRACTION' 
_refine_ls_shell.d_res_high                       1.051 
_refine_ls_shell.d_res_low                        1.078 
_refine_ls_shell.number_reflns_all                ? 
_refine_ls_shell.number_reflns_obs                ? 
_refine_ls_shell.number_reflns_R_free             17 
_refine_ls_shell.number_reflns_R_work             411 
_refine_ls_shell.percent_reflns_obs               59.78 
_refine_ls_shell.percent_reflns_R_free            ? 
_refine_ls_shell.R_factor_all                     ? 
_refine_ls_shell.R_factor_obs                     ? 
_refine_ls_shell.R_factor_R_free                  0.341 
_refine_ls_shell.R_factor_R_free_error            ? 
_refine_ls_shell.R_factor_R_work                  0.293 
_refine_ls_shell.redundancy_reflns_all            ? 
_refine_ls_shell.redundancy_reflns_obs            ? 
_refine_ls_shell.wR_factor_all                    ? 
_refine_ls_shell.wR_factor_obs                    ? 
_refine_ls_shell.wR_factor_R_free                 ? 
_refine_ls_shell.wR_factor_R_work                 ? 
_refine_ls_shell.pdbx_total_number_of_bins_used   20 
_refine_ls_shell.pdbx_phase_error                 ? 
_refine_ls_shell.pdbx_fsc_work                    ? 
_refine_ls_shell.pdbx_fsc_free                    ? 
# 
_struct.entry_id                     5GSK 
_struct.title                        'Crystal structure of duplex DNA3 in complex with Hg(II) and Sr(II)' 
_struct.pdbx_model_details           ? 
_struct.pdbx_formula_weight          ? 
_struct.pdbx_formula_weight_method   ? 
_struct.pdbx_model_type_details      ? 
_struct.pdbx_CASP_flag               N 
# 
_struct_keywords.entry_id        5GSK 
_struct_keywords.text            'metallo-base pair, T-Hg(II)-T, DNA' 
_struct_keywords.pdbx_keywords   DNA 
# 
loop_
_struct_asym.id 
_struct_asym.pdbx_blank_PDB_chainid_flag 
_struct_asym.pdbx_modified 
_struct_asym.entity_id 
_struct_asym.details 
A N N 1 ? 
B N N 2 ? 
C N N 3 ? 
D N N 4 ? 
# 
_struct_ref.id                         1 
_struct_ref.db_name                    PDB 
_struct_ref.db_code                    5GSK 
_struct_ref.pdbx_db_accession          5GSK 
_struct_ref.pdbx_db_isoform            ? 
_struct_ref.entity_id                  1 
_struct_ref.pdbx_seq_one_letter_code   ? 
_struct_ref.pdbx_align_begin           1 
# 
_struct_ref_seq.align_id                      1 
_struct_ref_seq.ref_id                        1 
_struct_ref_seq.pdbx_PDB_id_code              5GSK 
_struct_ref_seq.pdbx_strand_id                A 
_struct_ref_seq.seq_align_beg                 1 
_struct_ref_seq.pdbx_seq_align_beg_ins_code   ? 
_struct_ref_seq.seq_align_end                 8 
_struct_ref_seq.pdbx_seq_align_end_ins_code   ? 
_struct_ref_seq.pdbx_db_accession             5GSK 
_struct_ref_seq.db_align_beg                  1 
_struct_ref_seq.pdbx_db_align_beg_ins_code    ? 
_struct_ref_seq.db_align_end                  8 
_struct_ref_seq.pdbx_db_align_end_ins_code    ? 
_struct_ref_seq.pdbx_auth_seq_align_beg       1 
_struct_ref_seq.pdbx_auth_seq_align_end       8 
# 
_pdbx_struct_assembly.id                   1 
_pdbx_struct_assembly.details              author_and_software_defined_assembly 
_pdbx_struct_assembly.method_details       PISA 
_pdbx_struct_assembly.oligomeric_details   dimeric 
_pdbx_struct_assembly.oligomeric_count     2 
# 
loop_
_pdbx_struct_assembly_prop.biol_id 
_pdbx_struct_assembly_prop.type 
_pdbx_struct_assembly_prop.value 
_pdbx_struct_assembly_prop.details 
1 'ABSA (A^2)' 1790 ? 
1 MORE         -157 ? 
1 'SSA (A^2)'  2670 ? 
# 
_pdbx_struct_assembly_gen.assembly_id       1 
_pdbx_struct_assembly_gen.oper_expression   1,2 
_pdbx_struct_assembly_gen.asym_id_list      A,B,C,D 
# 
loop_
_pdbx_struct_oper_list.id 
_pdbx_struct_oper_list.type 
_pdbx_struct_oper_list.name 
_pdbx_struct_oper_list.symmetry_operation 
_pdbx_struct_oper_list.matrix[1][1] 
_pdbx_struct_oper_list.matrix[1][2] 
_pdbx_struct_oper_list.matrix[1][3] 
_pdbx_struct_oper_list.vector[1] 
_pdbx_struct_oper_list.matrix[2][1] 
_pdbx_struct_oper_list.matrix[2][2] 
_pdbx_struct_oper_list.matrix[2][3] 
_pdbx_struct_oper_list.vector[2] 
_pdbx_struct_oper_list.matrix[3][1] 
_pdbx_struct_oper_list.matrix[3][2] 
_pdbx_struct_oper_list.matrix[3][3] 
_pdbx_struct_oper_list.vector[3] 
1 'identity operation'         1_555 x,y,z  1.0000000000  0.0000000000  0.0000000000 0.0000000000 0.0000000000  1.0000000000  0.0000000000  0.0000000000 0.0000000000 0.0000000000  1.0000000000 0.0000000000  
2 'crystal symmetry operation' 7_555 y,x,-z -0.9391077136 -0.0243917835 0.3427560987 4.0759754377 -0.0243917835 -0.9902293191 -0.1372987128 2.7986117300 0.3427560987 -0.1372987128 0.9293370326 -0.5249573477 
# 
loop_
_struct_conn.id 
_struct_conn.conn_type_id 
_struct_conn.pdbx_leaving_atom_flag 
_struct_conn.pdbx_PDB_id 
_struct_conn.ptnr1_label_asym_id 
_struct_conn.ptnr1_label_comp_id 
_struct_conn.ptnr1_label_seq_id 
_struct_conn.ptnr1_label_atom_id 
_struct_conn.pdbx_ptnr1_label_alt_id 
_struct_conn.pdbx_ptnr1_PDB_ins_code 
_struct_conn.pdbx_ptnr1_standard_comp_id 
_struct_conn.ptnr1_symmetry 
_struct_conn.ptnr2_label_asym_id 
_struct_conn.ptnr2_label_comp_id 
_struct_conn.ptnr2_label_seq_id 
_struct_conn.ptnr2_label_atom_id 
_struct_conn.pdbx_ptnr2_label_alt_id 
_struct_conn.pdbx_ptnr2_PDB_ins_code 
_struct_conn.ptnr1_auth_asym_id 
_struct_conn.ptnr1_auth_comp_id 
_struct_conn.ptnr1_auth_seq_id 
_struct_conn.ptnr2_auth_asym_id 
_struct_conn.ptnr2_auth_comp_id 
_struct_conn.ptnr2_auth_seq_id 
_struct_conn.ptnr2_symmetry 
_struct_conn.pdbx_ptnr3_label_atom_id 
_struct_conn.pdbx_ptnr3_label_seq_id 
_struct_conn.pdbx_ptnr3_label_comp_id 
_struct_conn.pdbx_ptnr3_label_asym_id 
_struct_conn.pdbx_ptnr3_label_alt_id 
_struct_conn.pdbx_ptnr3_PDB_ins_code 
_struct_conn.details 
_struct_conn.pdbx_dist_value 
_struct_conn.pdbx_value_order 
_struct_conn.pdbx_role 
metalc1  metalc ? ? A DT 3 N3 ? ? ? 7_555 B HG . HG ? ? A DT 3 A HG 101 1_555 ? ? ? ? ? ? ?            2.076  ? ? 
metalc2  metalc ? ? A DT 3 N3 ? ? ? 1_555 B HG . HG ? ? A DT 3 A HG 101 7_555 ? ? ? ? ? ? ?            2.076  ? ? 
metalc3  metalc ? ? A DT 6 N3 ? ? ? 1_555 B HG . HG ? ? A DT 6 A HG 101 1_555 ? ? ? ? ? ? ?            2.031  ? ? 
metalc4  metalc ? ? A DT 6 N3 ? ? ? 7_555 B HG . HG ? ? A DT 6 A HG 101 7_555 ? ? ? ? ? ? ?            10.309 ? ? 
hydrog1  hydrog ? ? A DG 1 N1 ? ? ? 1_555 A DC 8 N3 ? ? A DG 1 A DC 8   7_555 ? ? ? ? ? ? WATSON-CRICK ?      ? ? 
hydrog2  hydrog ? ? A DG 1 N2 ? ? ? 1_555 A DC 8 O2 ? ? A DG 1 A DC 8   7_555 ? ? ? ? ? ? WATSON-CRICK ?      ? ? 
hydrog3  hydrog ? ? A DG 1 O6 ? ? ? 1_555 A DC 8 N4 ? ? A DG 1 A DC 8   7_555 ? ? ? ? ? ? WATSON-CRICK ?      ? ? 
hydrog4  hydrog ? ? A DG 2 N1 ? ? ? 1_555 A DC 7 N3 ? ? A DG 2 A DC 7   7_555 ? ? ? ? ? ? WATSON-CRICK ?      ? ? 
hydrog5  hydrog ? ? A DG 2 N2 ? ? ? 1_555 A DC 7 O2 ? ? A DG 2 A DC 7   7_555 ? ? ? ? ? ? WATSON-CRICK ?      ? ? 
hydrog6  hydrog ? ? A DG 2 O6 ? ? ? 1_555 A DC 7 N4 ? ? A DG 2 A DC 7   7_555 ? ? ? ? ? ? WATSON-CRICK ?      ? ? 
hydrog7  hydrog ? ? A DC 4 N3 ? ? ? 1_555 A DG 5 N1 ? ? A DC 4 A DG 5   7_555 ? ? ? ? ? ? WATSON-CRICK ?      ? ? 
hydrog8  hydrog ? ? A DC 4 N4 ? ? ? 1_555 A DG 5 O6 ? ? A DC 4 A DG 5   7_555 ? ? ? ? ? ? WATSON-CRICK ?      ? ? 
hydrog9  hydrog ? ? A DC 4 O2 ? ? ? 1_555 A DG 5 N2 ? ? A DC 4 A DG 5   7_555 ? ? ? ? ? ? WATSON-CRICK ?      ? ? 
hydrog10 hydrog ? ? A DG 5 N1 ? ? ? 1_555 A DC 4 N3 ? ? A DG 5 A DC 4   7_555 ? ? ? ? ? ? WATSON-CRICK ?      ? ? 
hydrog11 hydrog ? ? A DG 5 N2 ? ? ? 1_555 A DC 4 O2 ? ? A DG 5 A DC 4   7_555 ? ? ? ? ? ? WATSON-CRICK ?      ? ? 
hydrog12 hydrog ? ? A DG 5 O6 ? ? ? 1_555 A DC 4 N4 ? ? A DG 5 A DC 4   7_555 ? ? ? ? ? ? WATSON-CRICK ?      ? ? 
hydrog13 hydrog ? ? A DC 7 N3 ? ? ? 1_555 A DG 2 N1 ? ? A DC 7 A DG 2   7_555 ? ? ? ? ? ? WATSON-CRICK ?      ? ? 
hydrog14 hydrog ? ? A DC 7 N4 ? ? ? 1_555 A DG 2 O6 ? ? A DC 7 A DG 2   7_555 ? ? ? ? ? ? WATSON-CRICK ?      ? ? 
hydrog15 hydrog ? ? A DC 7 O2 ? ? ? 1_555 A DG 2 N2 ? ? A DC 7 A DG 2   7_555 ? ? ? ? ? ? WATSON-CRICK ?      ? ? 
hydrog16 hydrog ? ? A DC 8 N3 ? ? ? 1_555 A DG 1 N1 ? ? A DC 8 A DG 1   7_555 ? ? ? ? ? ? WATSON-CRICK ?      ? ? 
hydrog17 hydrog ? ? A DC 8 N4 ? ? ? 1_555 A DG 1 O6 ? ? A DC 8 A DG 1   7_555 ? ? ? ? ? ? WATSON-CRICK ?      ? ? 
hydrog18 hydrog ? ? A DC 8 O2 ? ? ? 1_555 A DG 1 N2 ? ? A DC 8 A DG 1   7_555 ? ? ? ? ? ? WATSON-CRICK ?      ? ? 
# 
loop_
_struct_conn_type.id 
_struct_conn_type.criteria 
_struct_conn_type.reference 
metalc ? ? 
hydrog ? ? 
# 
loop_
_pdbx_struct_conn_angle.id 
_pdbx_struct_conn_angle.ptnr1_label_atom_id 
_pdbx_struct_conn_angle.ptnr1_label_alt_id 
_pdbx_struct_conn_angle.ptnr1_label_asym_id 
_pdbx_struct_conn_angle.ptnr1_label_comp_id 
_pdbx_struct_conn_angle.ptnr1_label_seq_id 
_pdbx_struct_conn_angle.ptnr1_auth_atom_id 
_pdbx_struct_conn_angle.ptnr1_auth_asym_id 
_pdbx_struct_conn_angle.ptnr1_auth_comp_id 
_pdbx_struct_conn_angle.ptnr1_auth_seq_id 
_pdbx_struct_conn_angle.ptnr1_PDB_ins_code 
_pdbx_struct_conn_angle.ptnr1_symmetry 
_pdbx_struct_conn_angle.ptnr2_label_atom_id 
_pdbx_struct_conn_angle.ptnr2_label_alt_id 
_pdbx_struct_conn_angle.ptnr2_label_asym_id 
_pdbx_struct_conn_angle.ptnr2_label_comp_id 
_pdbx_struct_conn_angle.ptnr2_label_seq_id 
_pdbx_struct_conn_angle.ptnr2_auth_atom_id 
_pdbx_struct_conn_angle.ptnr2_auth_asym_id 
_pdbx_struct_conn_angle.ptnr2_auth_comp_id 
_pdbx_struct_conn_angle.ptnr2_auth_seq_id 
_pdbx_struct_conn_angle.ptnr2_PDB_ins_code 
_pdbx_struct_conn_angle.ptnr2_symmetry 
_pdbx_struct_conn_angle.ptnr3_label_atom_id 
_pdbx_struct_conn_angle.ptnr3_label_alt_id 
_pdbx_struct_conn_angle.ptnr3_label_asym_id 
_pdbx_struct_conn_angle.ptnr3_label_comp_id 
_pdbx_struct_conn_angle.ptnr3_label_seq_id 
_pdbx_struct_conn_angle.ptnr3_auth_atom_id 
_pdbx_struct_conn_angle.ptnr3_auth_asym_id 
_pdbx_struct_conn_angle.ptnr3_auth_comp_id 
_pdbx_struct_conn_angle.ptnr3_auth_seq_id 
_pdbx_struct_conn_angle.ptnr3_PDB_ins_code 
_pdbx_struct_conn_angle.ptnr3_symmetry 
_pdbx_struct_conn_angle.value 
_pdbx_struct_conn_angle.value_esd 
1 N3 ? A DT 3 ? A DT 3 ? 7_555 HG ? B HG . ? A HG 101 ? 1_555 N3 ? A DT 3 ? A DT 3 ? 1_555 98.7  ? 
2 N3 ? A DT 3 ? A DT 3 ? 7_555 HG ? B HG . ? A HG 101 ? 1_555 N3 ? A DT 6 ? A DT 6 ? 1_555 167.3 ? 
3 N3 ? A DT 3 ? A DT 3 ? 1_555 HG ? B HG . ? A HG 101 ? 1_555 N3 ? A DT 6 ? A DT 6 ? 1_555 75.6  ? 
4 N3 ? A DT 3 ? A DT 3 ? 7_555 HG ? B HG . ? A HG 101 ? 1_555 N3 ? A DT 6 ? A DT 6 ? 7_555 105.7 ? 
5 N3 ? A DT 3 ? A DT 3 ? 1_555 HG ? B HG . ? A HG 101 ? 1_555 N3 ? A DT 6 ? A DT 6 ? 7_555 20.9  ? 
6 N3 ? A DT 6 ? A DT 6 ? 1_555 HG ? B HG . ? A HG 101 ? 1_555 N3 ? A DT 6 ? A DT 6 ? 7_555 73.0  ? 
# 
loop_
_struct_site.id 
_struct_site.pdbx_evidence_code 
_struct_site.pdbx_auth_asym_id 
_struct_site.pdbx_auth_comp_id 
_struct_site.pdbx_auth_seq_id 
_struct_site.pdbx_auth_ins_code 
_struct_site.pdbx_num_residues 
_struct_site.details 
AC1 Software A HG 101 ? 5 'binding site for residue HG A 101' 
AC2 Software A SR 102 ? 8 'binding site for residue SR A 102' 
# 
loop_
_struct_site_gen.id 
_struct_site_gen.site_id 
_struct_site_gen.pdbx_num_res 
_struct_site_gen.label_comp_id 
_struct_site_gen.label_asym_id 
_struct_site_gen.label_seq_id 
_struct_site_gen.pdbx_auth_ins_code 
_struct_site_gen.auth_comp_id 
_struct_site_gen.auth_asym_id 
_struct_site_gen.auth_seq_id 
_struct_site_gen.label_atom_id 
_struct_site_gen.label_alt_id 
_struct_site_gen.symmetry 
_struct_site_gen.details 
1  AC1 5 DT  A 3 ? DT  A 3   . ? 7_555 ? 
2  AC1 5 DC  A 4 ? DC  A 4   . ? 7_555 ? 
3  AC1 5 DT  A 6 ? DT  A 6   . ? 1_555 ? 
4  AC1 5 DC  A 7 ? DC  A 7   . ? 1_555 ? 
5  AC1 5 HOH D . ? HOH A 201 . ? 1_555 ? 
6  AC2 8 DG  A 2 ? DG  A 2   . ? 7_555 ? 
7  AC2 8 DT  A 3 ? DT  A 3   . ? 7_555 ? 
8  AC2 8 DG  A 5 ? DG  A 5   . ? 1_555 ? 
9  AC2 8 DT  A 6 ? DT  A 6   . ? 1_555 ? 
10 AC2 8 HOH D . ? HOH A 213 . ? 7_555 ? 
11 AC2 8 HOH D . ? HOH A 221 . ? 1_555 ? 
12 AC2 8 HOH D . ? HOH A 226 . ? 7_555 ? 
13 AC2 8 HOH D . ? HOH A 231 . ? 7_555 ? 
# 
_pdbx_struct_special_symmetry.id              1 
_pdbx_struct_special_symmetry.PDB_model_num   1 
_pdbx_struct_special_symmetry.auth_asym_id    A 
_pdbx_struct_special_symmetry.auth_comp_id    HOH 
_pdbx_struct_special_symmetry.auth_seq_id     240 
_pdbx_struct_special_symmetry.PDB_ins_code    ? 
_pdbx_struct_special_symmetry.label_asym_id   D 
_pdbx_struct_special_symmetry.label_comp_id   HOH 
_pdbx_struct_special_symmetry.label_seq_id    . 
# 
loop_
_chem_comp_atom.comp_id 
_chem_comp_atom.atom_id 
_chem_comp_atom.type_symbol 
_chem_comp_atom.pdbx_aromatic_flag 
_chem_comp_atom.pdbx_stereo_config 
_chem_comp_atom.pdbx_ordinal 
DC  OP3    O  N N 1   
DC  P      P  N N 2   
DC  OP1    O  N N 3   
DC  OP2    O  N N 4   
DC  "O5'"  O  N N 5   
DC  "C5'"  C  N N 6   
DC  "C4'"  C  N R 7   
DC  "O4'"  O  N N 8   
DC  "C3'"  C  N S 9   
DC  "O3'"  O  N N 10  
DC  "C2'"  C  N N 11  
DC  "C1'"  C  N R 12  
DC  N1     N  N N 13  
DC  C2     C  N N 14  
DC  O2     O  N N 15  
DC  N3     N  N N 16  
DC  C4     C  N N 17  
DC  N4     N  N N 18  
DC  C5     C  N N 19  
DC  C6     C  N N 20  
DC  HOP3   H  N N 21  
DC  HOP2   H  N N 22  
DC  "H5'"  H  N N 23  
DC  "H5''" H  N N 24  
DC  "H4'"  H  N N 25  
DC  "H3'"  H  N N 26  
DC  "HO3'" H  N N 27  
DC  "H2'"  H  N N 28  
DC  "H2''" H  N N 29  
DC  "H1'"  H  N N 30  
DC  H41    H  N N 31  
DC  H42    H  N N 32  
DC  H5     H  N N 33  
DC  H6     H  N N 34  
DG  OP3    O  N N 35  
DG  P      P  N N 36  
DG  OP1    O  N N 37  
DG  OP2    O  N N 38  
DG  "O5'"  O  N N 39  
DG  "C5'"  C  N N 40  
DG  "C4'"  C  N R 41  
DG  "O4'"  O  N N 42  
DG  "C3'"  C  N S 43  
DG  "O3'"  O  N N 44  
DG  "C2'"  C  N N 45  
DG  "C1'"  C  N R 46  
DG  N9     N  Y N 47  
DG  C8     C  Y N 48  
DG  N7     N  Y N 49  
DG  C5     C  Y N 50  
DG  C6     C  N N 51  
DG  O6     O  N N 52  
DG  N1     N  N N 53  
DG  C2     C  N N 54  
DG  N2     N  N N 55  
DG  N3     N  N N 56  
DG  C4     C  Y N 57  
DG  HOP3   H  N N 58  
DG  HOP2   H  N N 59  
DG  "H5'"  H  N N 60  
DG  "H5''" H  N N 61  
DG  "H4'"  H  N N 62  
DG  "H3'"  H  N N 63  
DG  "HO3'" H  N N 64  
DG  "H2'"  H  N N 65  
DG  "H2''" H  N N 66  
DG  "H1'"  H  N N 67  
DG  H8     H  N N 68  
DG  H1     H  N N 69  
DG  H21    H  N N 70  
DG  H22    H  N N 71  
DT  OP3    O  N N 72  
DT  P      P  N N 73  
DT  OP1    O  N N 74  
DT  OP2    O  N N 75  
DT  "O5'"  O  N N 76  
DT  "C5'"  C  N N 77  
DT  "C4'"  C  N R 78  
DT  "O4'"  O  N N 79  
DT  "C3'"  C  N S 80  
DT  "O3'"  O  N N 81  
DT  "C2'"  C  N N 82  
DT  "C1'"  C  N R 83  
DT  N1     N  N N 84  
DT  C2     C  N N 85  
DT  O2     O  N N 86  
DT  N3     N  N N 87  
DT  C4     C  N N 88  
DT  O4     O  N N 89  
DT  C5     C  N N 90  
DT  C7     C  N N 91  
DT  C6     C  N N 92  
DT  HOP3   H  N N 93  
DT  HOP2   H  N N 94  
DT  "H5'"  H  N N 95  
DT  "H5''" H  N N 96  
DT  "H4'"  H  N N 97  
DT  "H3'"  H  N N 98  
DT  "HO3'" H  N N 99  
DT  "H2'"  H  N N 100 
DT  "H2''" H  N N 101 
DT  "H1'"  H  N N 102 
DT  H3     H  N N 103 
DT  H71    H  N N 104 
DT  H72    H  N N 105 
DT  H73    H  N N 106 
DT  H6     H  N N 107 
HG  HG     HG N N 108 
HOH O      O  N N 109 
HOH H1     H  N N 110 
HOH H2     H  N N 111 
SR  SR     SR N N 112 
# 
loop_
_chem_comp_bond.comp_id 
_chem_comp_bond.atom_id_1 
_chem_comp_bond.atom_id_2 
_chem_comp_bond.value_order 
_chem_comp_bond.pdbx_aromatic_flag 
_chem_comp_bond.pdbx_stereo_config 
_chem_comp_bond.pdbx_ordinal 
DC  OP3   P      sing N N 1   
DC  OP3   HOP3   sing N N 2   
DC  P     OP1    doub N N 3   
DC  P     OP2    sing N N 4   
DC  P     "O5'"  sing N N 5   
DC  OP2   HOP2   sing N N 6   
DC  "O5'" "C5'"  sing N N 7   
DC  "C5'" "C4'"  sing N N 8   
DC  "C5'" "H5'"  sing N N 9   
DC  "C5'" "H5''" sing N N 10  
DC  "C4'" "O4'"  sing N N 11  
DC  "C4'" "C3'"  sing N N 12  
DC  "C4'" "H4'"  sing N N 13  
DC  "O4'" "C1'"  sing N N 14  
DC  "C3'" "O3'"  sing N N 15  
DC  "C3'" "C2'"  sing N N 16  
DC  "C3'" "H3'"  sing N N 17  
DC  "O3'" "HO3'" sing N N 18  
DC  "C2'" "C1'"  sing N N 19  
DC  "C2'" "H2'"  sing N N 20  
DC  "C2'" "H2''" sing N N 21  
DC  "C1'" N1     sing N N 22  
DC  "C1'" "H1'"  sing N N 23  
DC  N1    C2     sing N N 24  
DC  N1    C6     sing N N 25  
DC  C2    O2     doub N N 26  
DC  C2    N3     sing N N 27  
DC  N3    C4     doub N N 28  
DC  C4    N4     sing N N 29  
DC  C4    C5     sing N N 30  
DC  N4    H41    sing N N 31  
DC  N4    H42    sing N N 32  
DC  C5    C6     doub N N 33  
DC  C5    H5     sing N N 34  
DC  C6    H6     sing N N 35  
DG  OP3   P      sing N N 36  
DG  OP3   HOP3   sing N N 37  
DG  P     OP1    doub N N 38  
DG  P     OP2    sing N N 39  
DG  P     "O5'"  sing N N 40  
DG  OP2   HOP2   sing N N 41  
DG  "O5'" "C5'"  sing N N 42  
DG  "C5'" "C4'"  sing N N 43  
DG  "C5'" "H5'"  sing N N 44  
DG  "C5'" "H5''" sing N N 45  
DG  "C4'" "O4'"  sing N N 46  
DG  "C4'" "C3'"  sing N N 47  
DG  "C4'" "H4'"  sing N N 48  
DG  "O4'" "C1'"  sing N N 49  
DG  "C3'" "O3'"  sing N N 50  
DG  "C3'" "C2'"  sing N N 51  
DG  "C3'" "H3'"  sing N N 52  
DG  "O3'" "HO3'" sing N N 53  
DG  "C2'" "C1'"  sing N N 54  
DG  "C2'" "H2'"  sing N N 55  
DG  "C2'" "H2''" sing N N 56  
DG  "C1'" N9     sing N N 57  
DG  "C1'" "H1'"  sing N N 58  
DG  N9    C8     sing Y N 59  
DG  N9    C4     sing Y N 60  
DG  C8    N7     doub Y N 61  
DG  C8    H8     sing N N 62  
DG  N7    C5     sing Y N 63  
DG  C5    C6     sing N N 64  
DG  C5    C4     doub Y N 65  
DG  C6    O6     doub N N 66  
DG  C6    N1     sing N N 67  
DG  N1    C2     sing N N 68  
DG  N1    H1     sing N N 69  
DG  C2    N2     sing N N 70  
DG  C2    N3     doub N N 71  
DG  N2    H21    sing N N 72  
DG  N2    H22    sing N N 73  
DG  N3    C4     sing N N 74  
DT  OP3   P      sing N N 75  
DT  OP3   HOP3   sing N N 76  
DT  P     OP1    doub N N 77  
DT  P     OP2    sing N N 78  
DT  P     "O5'"  sing N N 79  
DT  OP2   HOP2   sing N N 80  
DT  "O5'" "C5'"  sing N N 81  
DT  "C5'" "C4'"  sing N N 82  
DT  "C5'" "H5'"  sing N N 83  
DT  "C5'" "H5''" sing N N 84  
DT  "C4'" "O4'"  sing N N 85  
DT  "C4'" "C3'"  sing N N 86  
DT  "C4'" "H4'"  sing N N 87  
DT  "O4'" "C1'"  sing N N 88  
DT  "C3'" "O3'"  sing N N 89  
DT  "C3'" "C2'"  sing N N 90  
DT  "C3'" "H3'"  sing N N 91  
DT  "O3'" "HO3'" sing N N 92  
DT  "C2'" "C1'"  sing N N 93  
DT  "C2'" "H2'"  sing N N 94  
DT  "C2'" "H2''" sing N N 95  
DT  "C1'" N1     sing N N 96  
DT  "C1'" "H1'"  sing N N 97  
DT  N1    C2     sing N N 98  
DT  N1    C6     sing N N 99  
DT  C2    O2     doub N N 100 
DT  C2    N3     sing N N 101 
DT  N3    C4     sing N N 102 
DT  N3    H3     sing N N 103 
DT  C4    O4     doub N N 104 
DT  C4    C5     sing N N 105 
DT  C5    C7     sing N N 106 
DT  C5    C6     doub N N 107 
DT  C7    H71    sing N N 108 
DT  C7    H72    sing N N 109 
DT  C7    H73    sing N N 110 
DT  C6    H6     sing N N 111 
HOH O     H1     sing N N 112 
HOH O     H2     sing N N 113 
# 
loop_
_ndb_struct_conf_na.entry_id 
_ndb_struct_conf_na.feature 
5GSK 'double helix'         
5GSK 'mismatched base pair' 
# 
loop_
_ndb_struct_na_base_pair.model_number 
_ndb_struct_na_base_pair.i_label_asym_id 
_ndb_struct_na_base_pair.i_label_comp_id 
_ndb_struct_na_base_pair.i_label_seq_id 
_ndb_struct_na_base_pair.i_symmetry 
_ndb_struct_na_base_pair.j_label_asym_id 
_ndb_struct_na_base_pair.j_label_comp_id 
_ndb_struct_na_base_pair.j_label_seq_id 
_ndb_struct_na_base_pair.j_symmetry 
_ndb_struct_na_base_pair.shear 
_ndb_struct_na_base_pair.stretch 
_ndb_struct_na_base_pair.stagger 
_ndb_struct_na_base_pair.buckle 
_ndb_struct_na_base_pair.propeller 
_ndb_struct_na_base_pair.opening 
_ndb_struct_na_base_pair.pair_number 
_ndb_struct_na_base_pair.pair_name 
_ndb_struct_na_base_pair.i_auth_asym_id 
_ndb_struct_na_base_pair.i_auth_seq_id 
_ndb_struct_na_base_pair.i_PDB_ins_code 
_ndb_struct_na_base_pair.j_auth_asym_id 
_ndb_struct_na_base_pair.j_auth_seq_id 
_ndb_struct_na_base_pair.j_PDB_ins_code 
_ndb_struct_na_base_pair.hbond_type_28 
_ndb_struct_na_base_pair.hbond_type_12 
1 A DG 1 1_555 A DC 8 7_555 -0.283 -0.141 -0.033 -8.544 -6.331  -3.567 1 A_DG1:DC8_A A 1 ? A 8 ? 19 1 
1 A DG 2 1_555 A DC 7 7_555 -0.298 -0.159 0.283  0.520  -20.333 1.869  2 A_DG2:DC7_A A 2 ? A 7 ? 19 1 
1 A DC 4 1_555 A DG 5 7_555 0.377  -0.154 0.110  4.182  -21.080 2.207  3 A_DC4:DG5_A A 4 ? A 5 ? 19 1 
1 A DG 5 1_555 A DC 4 7_555 -0.377 -0.154 0.110  -4.182 -21.080 2.207  4 A_DG5:DC4_A A 5 ? A 4 ? 19 1 
1 A DC 7 1_555 A DG 2 7_555 0.298  -0.159 0.283  -0.520 -20.333 1.869  5 A_DC7:DG2_A A 7 ? A 2 ? 19 1 
1 A DC 8 1_555 A DG 1 7_555 0.283  -0.141 -0.033 8.544  -6.331  -3.567 6 A_DC8:DG1_A A 8 ? A 1 ? 19 1 
# 
loop_
_ndb_struct_na_base_pair_step.model_number 
_ndb_struct_na_base_pair_step.i_label_asym_id_1 
_ndb_struct_na_base_pair_step.i_label_comp_id_1 
_ndb_struct_na_base_pair_step.i_label_seq_id_1 
_ndb_struct_na_base_pair_step.i_symmetry_1 
_ndb_struct_na_base_pair_step.j_label_asym_id_1 
_ndb_struct_na_base_pair_step.j_label_comp_id_1 
_ndb_struct_na_base_pair_step.j_label_seq_id_1 
_ndb_struct_na_base_pair_step.j_symmetry_1 
_ndb_struct_na_base_pair_step.i_label_asym_id_2 
_ndb_struct_na_base_pair_step.i_label_comp_id_2 
_ndb_struct_na_base_pair_step.i_label_seq_id_2 
_ndb_struct_na_base_pair_step.i_symmetry_2 
_ndb_struct_na_base_pair_step.j_label_asym_id_2 
_ndb_struct_na_base_pair_step.j_label_comp_id_2 
_ndb_struct_na_base_pair_step.j_label_seq_id_2 
_ndb_struct_na_base_pair_step.j_symmetry_2 
_ndb_struct_na_base_pair_step.shift 
_ndb_struct_na_base_pair_step.slide 
_ndb_struct_na_base_pair_step.rise 
_ndb_struct_na_base_pair_step.tilt 
_ndb_struct_na_base_pair_step.roll 
_ndb_struct_na_base_pair_step.twist 
_ndb_struct_na_base_pair_step.x_displacement 
_ndb_struct_na_base_pair_step.y_displacement 
_ndb_struct_na_base_pair_step.helical_rise 
_ndb_struct_na_base_pair_step.inclination 
_ndb_struct_na_base_pair_step.tip 
_ndb_struct_na_base_pair_step.helical_twist 
_ndb_struct_na_base_pair_step.step_number 
_ndb_struct_na_base_pair_step.step_name 
_ndb_struct_na_base_pair_step.i_auth_asym_id_1 
_ndb_struct_na_base_pair_step.i_auth_seq_id_1 
_ndb_struct_na_base_pair_step.i_PDB_ins_code_1 
_ndb_struct_na_base_pair_step.j_auth_asym_id_1 
_ndb_struct_na_base_pair_step.j_auth_seq_id_1 
_ndb_struct_na_base_pair_step.j_PDB_ins_code_1 
_ndb_struct_na_base_pair_step.i_auth_asym_id_2 
_ndb_struct_na_base_pair_step.i_auth_seq_id_2 
_ndb_struct_na_base_pair_step.i_PDB_ins_code_2 
_ndb_struct_na_base_pair_step.j_auth_asym_id_2 
_ndb_struct_na_base_pair_step.j_auth_seq_id_2 
_ndb_struct_na_base_pair_step.j_PDB_ins_code_2 
1 A DG 1 1_555 A DC 8 7_555 A DG 2 1_555 A DC 7 7_555 0.789  -1.519 3.106 -1.779 9.813  27.590 -4.837 -1.892 2.382 19.776 3.585  
29.304 1 AA_DG1DG2:DC7DC8_AA A 1 ? A 8 ? A 2 ? A 7 ? 
1 A DG 2 1_555 A DC 7 7_555 A DC 4 1_555 A DG 5 7_555 -0.040 -1.701 5.994 2.833  10.505 76.209 -1.918 0.180  5.753 8.471  -2.284 
76.865 2 AA_DG2DC4:DG5DC7_AA A 2 ? A 7 ? A 4 ? A 5 ? 
1 A DC 4 1_555 A DG 5 7_555 A DG 5 1_555 A DC 4 7_555 0.000  -1.901 3.263 0.000  18.057 21.186 -7.405 0.000  1.278 40.838 0.000  
27.770 3 AA_DC4DG5:DC4DG5_AA A 4 ? A 5 ? A 5 ? A 4 ? 
1 A DG 5 1_555 A DC 4 7_555 A DC 7 1_555 A DG 2 7_555 0.040  -1.701 5.994 -2.833 10.505 76.209 -1.918 -0.180 5.753 8.471  2.284  
76.865 4 AA_DG5DC7:DG2DC4_AA A 5 ? A 4 ? A 7 ? A 2 ? 
1 A DC 7 1_555 A DG 2 7_555 A DC 8 1_555 A DG 1 7_555 -0.789 -1.519 3.106 1.779  9.813  27.590 -4.837 1.892  2.382 19.776 -3.585 
29.304 5 AA_DC7DC8:DG1DG2_AA A 7 ? A 2 ? A 8 ? A 1 ? 
# 
_pdbx_audit_support.funding_organization   'National Natural Science Foundation of China' 
_pdbx_audit_support.country                China 
_pdbx_audit_support.grant_number           31370728 
_pdbx_audit_support.ordinal                1 
# 
_atom_sites.entry_id                    5GSK 
_atom_sites.fract_transf_matrix[1][1]   -0.01102352 
_atom_sites.fract_transf_matrix[1][2]   0.01664885 
_atom_sites.fract_transf_matrix[1][3]   -0.01471348 
_atom_sites.fract_transf_matrix[2][1]   0.00490304 
_atom_sites.fract_transf_matrix[2][2]   -0.01419715 
_atom_sites.fract_transf_matrix[2][3]   -0.01973803 
_atom_sites.fract_transf_matrix[3][1]   -0.03497691 
_atom_sites.fract_transf_matrix[3][2]   -0.01885309 
_atom_sites.fract_transf_matrix[3][3]   0.00487216 
_atom_sites.fract_transf_vector[1]      0.250944 
_atom_sites.fract_transf_vector[2]      0.260330 
_atom_sites.fract_transf_vector[3]      0.098943 
# 
loop_
_atom_type.symbol 
C  
HG 
N  
O  
P  
SR 
# 
loop_
_atom_site.group_PDB 
_atom_site.id 
_atom_site.type_symbol 
_atom_site.label_atom_id 
_atom_site.label_alt_id 
_atom_site.label_comp_id 
_atom_site.label_asym_id 
_atom_site.label_entity_id 
_atom_site.label_seq_id 
_atom_site.pdbx_PDB_ins_code 
_atom_site.Cartn_x 
_atom_site.Cartn_y 
_atom_site.Cartn_z 
_atom_site.occupancy 
_atom_site.B_iso_or_equiv 
_atom_site.pdbx_formal_charge 
_atom_site.auth_seq_id 
_atom_site.auth_comp_id 
_atom_site.auth_asym_id 
_atom_site.auth_atom_id 
_atom_site.pdbx_PDB_model_num 
ATOM   1   O  "O5'" . DG  A 1 1 ? 7.277   0.852   -11.442 1.00 21.13 ? 1   DG  A "O5'" 1 
ATOM   2   C  "C5'" . DG  A 1 1 ? 7.135   0.095   -12.659 1.00 20.86 ? 1   DG  A "C5'" 1 
ATOM   3   C  "C4'" . DG  A 1 1 ? 7.065   -1.392  -12.387 1.00 20.28 ? 1   DG  A "C4'" 1 
ATOM   4   O  "O4'" . DG  A 1 1 ? 8.291   -1.911  -11.820 1.00 18.57 ? 1   DG  A "O4'" 1 
ATOM   5   C  "C3'" . DG  A 1 1 ? 5.960   -1.856  -11.445 1.00 19.82 ? 1   DG  A "C3'" 1 
ATOM   6   O  "O3'" . DG  A 1 1 ? 4.733   -1.972  -12.159 1.00 21.62 ? 1   DG  A "O3'" 1 
ATOM   7   C  "C2'" . DG  A 1 1 ? 6.495   -3.185  -10.945 1.00 18.93 ? 1   DG  A "C2'" 1 
ATOM   8   C  "C1'" . DG  A 1 1 ? 7.988   -2.912  -10.843 1.00 18.31 ? 1   DG  A "C1'" 1 
ATOM   9   N  N9    . DG  A 1 1 ? 8.423   -2.418  -9.541  1.00 18.13 ? 1   DG  A N9    1 
ATOM   10  C  C8    . DG  A 1 1 ? 8.655   -1.114  -9.173  1.00 18.17 ? 1   DG  A C8    1 
ATOM   11  N  N7    . DG  A 1 1 ? 9.058   -0.996  -7.937  1.00 18.20 ? 1   DG  A N7    1 
ATOM   12  C  C5    . DG  A 1 1 ? 9.110   -2.300  -7.465  1.00 17.35 ? 1   DG  A C5    1 
ATOM   13  C  C6    . DG  A 1 1 ? 9.494   -2.806  -6.196  1.00 17.10 ? 1   DG  A C6    1 
ATOM   14  O  O6    . DG  A 1 1 ? 9.869   -2.180  -5.200  1.00 18.29 ? 1   DG  A O6    1 
ATOM   15  N  N1    . DG  A 1 1 ? 9.401   -4.193  -6.147  1.00 17.33 ? 1   DG  A N1    1 
ATOM   16  C  C2    . DG  A 1 1 ? 8.993   -4.995  -7.186  1.00 18.67 ? 1   DG  A C2    1 
ATOM   17  N  N2    . DG  A 1 1 ? 8.964   -6.314  -6.944  1.00 19.76 ? 1   DG  A N2    1 
ATOM   18  N  N3    . DG  A 1 1 ? 8.629   -4.535  -8.372  1.00 18.17 ? 1   DG  A N3    1 
ATOM   19  C  C4    . DG  A 1 1 ? 8.725   -3.190  -8.445  1.00 17.69 ? 1   DG  A C4    1 
ATOM   20  P  P     . DG  A 1 2 ? 3.361   -1.913  -11.376 1.00 22.88 ? 2   DG  A P     1 
ATOM   21  O  OP1   . DG  A 1 2 ? 2.280   -1.812  -12.383 1.00 26.15 ? 2   DG  A OP1   1 
ATOM   22  O  OP2   . DG  A 1 2 ? 3.468   -0.871  -10.319 1.00 23.56 ? 2   DG  A OP2   1 
ATOM   23  O  "O5'" . DG  A 1 2 ? 3.292   -3.361  -10.724 1.00 21.40 ? 2   DG  A "O5'" 1 
ATOM   24  C  "C5'" . DG  A 1 2 ? 2.698   -3.560  -9.442  1.00 21.03 ? 2   DG  A "C5'" 1 
ATOM   25  C  "C4'" . DG  A 1 2 ? 3.265   -4.814  -8.823  1.00 19.23 ? 2   DG  A "C4'" 1 
ATOM   26  O  "O4'" . DG  A 1 2 ? 4.689   -4.661  -8.629  1.00 20.06 ? 2   DG  A "O4'" 1 
ATOM   27  C  "C3'" . DG  A 1 2 ? 2.709   -5.137  -7.443  1.00 18.60 ? 2   DG  A "C3'" 1 
ATOM   28  O  "O3'" . DG  A 1 2 ? 1.511   -5.903  -7.583  1.00 20.77 ? 2   DG  A "O3'" 1 
ATOM   29  C  "C2'" . DG  A 1 2 ? 3.851   -5.902  -6.803  1.00 19.10 ? 2   DG  A "C2'" 1 
ATOM   30  C  "C1'" . DG  A 1 2 ? 5.073   -5.179  -7.359  1.00 19.01 ? 2   DG  A "C1'" 1 
ATOM   31  N  N9    . DG  A 1 2 ? 5.543   -4.067  -6.534  1.00 18.41 ? 2   DG  A N9    1 
ATOM   32  C  C8    . DG  A 1 2 ? 5.512   -2.724  -6.830  1.00 18.28 ? 2   DG  A C8    1 
ATOM   33  N  N7    . DG  A 1 2 ? 6.010   -1.980  -5.881  1.00 18.16 ? 2   DG  A N7    1 
ATOM   34  C  C5    . DG  A 1 2 ? 6.375   -2.882  -4.891  1.00 17.93 ? 2   DG  A C5    1 
ATOM   35  C  C6    . DG  A 1 2 ? 6.977   -2.664  -3.620  1.00 17.95 ? 2   DG  A C6    1 
ATOM   36  O  O6    . DG  A 1 2 ? 7.283   -1.592  -3.084  1.00 17.71 ? 2   DG  A O6    1 
ATOM   37  N  N1    . DG  A 1 2 ? 7.188   -3.860  -2.944  1.00 18.47 ? 2   DG  A N1    1 
ATOM   38  C  C2    . DG  A 1 2 ? 6.861   -5.106  -3.422  1.00 19.03 ? 2   DG  A C2    1 
ATOM   39  N  N2    . DG  A 1 2 ? 7.144   -6.140  -2.618  1.00 19.61 ? 2   DG  A N2    1 
ATOM   40  N  N3    . DG  A 1 2 ? 6.306   -5.323  -4.604  1.00 19.36 ? 2   DG  A N3    1 
ATOM   41  C  C4    . DG  A 1 2 ? 6.102   -4.175  -5.283  1.00 17.38 ? 2   DG  A C4    1 
ATOM   42  P  P     . DT  A 1 3 ? 0.308   -5.736  -6.541  1.00 21.82 ? 3   DT  A P     1 
ATOM   43  O  OP1   . DT  A 1 3 ? -0.817  -6.570  -7.020  1.00 24.71 ? 3   DT  A OP1   1 
ATOM   44  O  OP2   . DT  A 1 3 ? 0.101   -4.294  -6.264  1.00 23.07 ? 3   DT  A OP2   1 
ATOM   45  O  "O5'" . DT  A 1 3 ? 0.884   -6.381  -5.211  1.00 21.49 ? 3   DT  A "O5'" 1 
ATOM   46  C  "C5'" . DT  A 1 3 ? 1.043   -7.803  -5.118  1.00 21.79 ? 3   DT  A "C5'" 1 
ATOM   47  C  "C4'" . DT  A 1 3 ? 1.646   -8.160  -3.783  1.00 21.68 ? 3   DT  A "C4'" 1 
ATOM   48  O  "O4'" . DT  A 1 3 ? 2.958   -7.572  -3.672  1.00 22.26 ? 3   DT  A "O4'" 1 
ATOM   49  C  "C3'" . DT  A 1 3 ? 0.887   -7.628  -2.574  1.00 22.13 ? 3   DT  A "C3'" 1 
ATOM   50  O  "O3'" . DT  A 1 3 ? -0.172  -8.508  -2.217  1.00 24.03 ? 3   DT  A "O3'" 1 
ATOM   51  C  "C2'" . DT  A 1 3 ? 1.962   -7.603  -1.512  1.00 22.71 ? 3   DT  A "C2'" 1 
ATOM   52  C  "C1'" . DT  A 1 3 ? 3.196   -7.212  -2.313  1.00 22.01 ? 3   DT  A "C1'" 1 
ATOM   53  N  N1    . DT  A 1 3 ? 3.481   -5.774  -2.262  1.00 20.24 ? 3   DT  A N1    1 
ATOM   54  C  C2    . DT  A 1 3 ? 4.185   -5.320  -1.173  1.00 21.86 ? 3   DT  A C2    1 
ATOM   55  O  O2    . DT  A 1 3 ? 4.583   -6.056  -0.285  1.00 25.74 ? 3   DT  A O2    1 
ATOM   56  N  N3    . DT  A 1 3 ? 4.415   -3.968  -1.165  1.00 19.18 ? 3   DT  A N3    1 
ATOM   57  C  C4    . DT  A 1 3 ? 4.022   -3.048  -2.118  1.00 18.53 ? 3   DT  A C4    1 
ATOM   58  O  O4    . DT  A 1 3 ? 4.323   -1.866  -1.985  1.00 20.54 ? 3   DT  A O4    1 
ATOM   59  C  C5    . DT  A 1 3 ? 3.260   -3.588  -3.218  1.00 18.77 ? 3   DT  A C5    1 
ATOM   60  C  C7    . DT  A 1 3 ? 2.770   -2.662  -4.286  1.00 18.49 ? 3   DT  A C7    1 
ATOM   61  C  C6    . DT  A 1 3 ? 3.021   -4.906  -3.230  1.00 19.99 ? 3   DT  A C6    1 
ATOM   62  P  P     . DC  A 1 4 ? -1.456  -7.949  -1.485  1.00 26.82 ? 4   DC  A P     1 
ATOM   63  O  OP1   . DC  A 1 4 ? -2.370  -9.095  -1.227  1.00 33.17 ? 4   DC  A OP1   1 
ATOM   64  O  OP2   . DC  A 1 4 ? -1.937  -6.762  -2.223  1.00 28.98 ? 4   DC  A OP2   1 
ATOM   65  O  "O5'" . DC  A 1 4 ? -0.897  -7.415  -0.097  1.00 20.75 ? 4   DC  A "O5'" 1 
ATOM   66  C  "C5'" . DC  A 1 4 ? -0.437  -8.325  0.910   1.00 19.91 ? 4   DC  A "C5'" 1 
ATOM   67  C  "C4'" . DC  A 1 4 ? 0.184   -7.551  2.046   1.00 19.13 ? 4   DC  A "C4'" 1 
ATOM   68  O  "O4'" . DC  A 1 4 ? 1.323   -6.796  1.575   1.00 19.24 ? 4   DC  A "O4'" 1 
ATOM   69  C  "C3'" . DC  A 1 4 ? -0.722  -6.511  2.689   1.00 19.52 ? 4   DC  A "C3'" 1 
ATOM   70  O  "O3'" . DC  A 1 4 ? -1.610  -7.139  3.616   1.00 20.64 ? 4   DC  A "O3'" 1 
ATOM   71  C  "C2'" . DC  A 1 4 ? 0.280   -5.577  3.336   1.00 19.04 ? 4   DC  A "C2'" 1 
ATOM   72  C  "C1'" . DC  A 1 4 ? 1.441   -5.597  2.342   1.00 17.87 ? 4   DC  A "C1'" 1 
ATOM   73  N  N1    . DC  A 1 4 ? 1.449   -4.450  1.415   1.00 17.28 ? 4   DC  A N1    1 
ATOM   74  C  C2    . DC  A 1 4 ? 2.224   -3.340  1.752   1.00 16.83 ? 4   DC  A C2    1 
ATOM   75  O  O2    . DC  A 1 4 ? 2.876   -3.365  2.803   1.00 20.56 ? 4   DC  A O2    1 
ATOM   76  N  N3    . DC  A 1 4 ? 2.232   -2.263  0.934   1.00 17.04 ? 4   DC  A N3    1 
ATOM   77  C  C4    . DC  A 1 4 ? 1.497   -2.268  -0.179  1.00 17.00 ? 4   DC  A C4    1 
ATOM   78  N  N4    . DC  A 1 4 ? 1.542   -1.184  -0.961  1.00 16.66 ? 4   DC  A N4    1 
ATOM   79  C  C5    . DC  A 1 4 ? 0.685   -3.383  -0.542  1.00 17.61 ? 4   DC  A C5    1 
ATOM   80  C  C6    . DC  A 1 4 ? 0.691   -4.443  0.277   1.00 17.37 ? 4   DC  A C6    1 
ATOM   81  P  P     . DG  A 1 5 ? -2.866  -6.342  4.203   1.00 21.48 ? 5   DG  A P     1 
ATOM   82  O  OP1   . DG  A 1 5 ? -3.604  -7.270  5.090   1.00 25.71 ? 5   DG  A OP1   1 
ATOM   83  O  OP2   . DG  A 1 5 ? -3.579  -5.683  3.086   1.00 21.80 ? 5   DG  A OP2   1 
ATOM   84  O  "O5'" . DG  A 1 5 ? -2.178  -5.253  5.131   1.00 21.36 ? 5   DG  A "O5'" 1 
ATOM   85  C  "C5'" . DG  A 1 5 ? -2.734  -3.944  5.300   1.00 19.74 ? 5   DG  A "C5'" 1 
ATOM   86  C  "C4'" . DG  A 1 5 ? -1.720  -3.080  6.008   1.00 19.57 ? 5   DG  A "C4'" 1 
ATOM   87  O  "O4'" . DG  A 1 5 ? -0.541  -2.930  5.185   1.00 18.88 ? 5   DG  A "O4'" 1 
ATOM   88  C  "C3'" . DG  A 1 5 ? -2.182  -1.657  6.282   1.00 19.40 ? 5   DG  A "C3'" 1 
ATOM   89  O  "O3'" . DG  A 1 5 ? -2.930  -1.629  7.492   1.00 21.03 ? 5   DG  A "O3'" 1 
ATOM   90  C  "C2'" . DG  A 1 5 ? -0.867  -0.912  6.379   1.00 18.79 ? 5   DG  A "C2'" 1 
ATOM   91  C  "C1'" . DG  A 1 5 ? -0.039  -1.602  5.306   1.00 18.31 ? 5   DG  A "C1'" 1 
ATOM   92  N  N9    . DG  A 1 5 ? -0.096  -0.970  3.990   1.00 17.58 ? 5   DG  A N9    1 
ATOM   93  C  C8    . DG  A 1 5 ? -0.627  -1.476  2.827   1.00 17.46 ? 5   DG  A C8    1 
ATOM   94  N  N7    . DG  A 1 5 ? -0.492  -0.669  1.810   1.00 16.88 ? 5   DG  A N7    1 
ATOM   95  C  C5    . DG  A 1 5 ? 0.179   0.430   2.330   1.00 16.61 ? 5   DG  A C5    1 
ATOM   96  C  C6    . DG  A 1 5 ? 0.626   1.621   1.700   1.00 16.37 ? 5   DG  A C6    1 
ATOM   97  O  O6    . DG  A 1 5 ? 0.491   1.966   0.520   1.00 17.24 ? 5   DG  A O6    1 
ATOM   98  N  N1    . DG  A 1 5 ? 1.263   2.468   2.601   1.00 16.92 ? 5   DG  A N1    1 
ATOM   99  C  C2    . DG  A 1 5 ? 1.451   2.203   3.935   1.00 16.16 ? 5   DG  A C2    1 
ATOM   100 N  N2    . DG  A 1 5 ? 2.088   3.143   4.646   1.00 17.19 ? 5   DG  A N2    1 
ATOM   101 N  N3    . DG  A 1 5 ? 1.059   1.091   4.528   1.00 16.87 ? 5   DG  A N3    1 
ATOM   102 C  C4    . DG  A 1 5 ? 0.437   0.254   3.673   1.00 16.93 ? 5   DG  A C4    1 
ATOM   103 P  P     . DT  A 1 6 ? -4.150  -0.627  7.661   1.00 22.74 ? 6   DT  A P     1 
ATOM   104 O  OP1   . DT  A 1 6 ? -4.826  -0.971  8.935   1.00 25.33 ? 6   DT  A OP1   1 
ATOM   105 O  OP2   . DT  A 1 6 ? -4.919  -0.583  6.388   1.00 23.38 ? 6   DT  A OP2   1 
ATOM   106 O  "O5'" . DT  A 1 6 ? -3.436  0.784   7.813   1.00 21.65 ? 6   DT  A "O5'" 1 
ATOM   107 C  "C5'" . DT  A 1 6 ? -2.739  1.115   9.015   1.00 22.17 ? 6   DT  A "C5'" 1 
ATOM   108 C  "C4'" . DT  A 1 6 ? -2.048  2.447   8.855   1.00 21.22 ? 6   DT  A "C4'" 1 
ATOM   109 O  "O4'" . DT  A 1 6 ? -1.087  2.373   7.782   1.00 20.75 ? 6   DT  A "O4'" 1 
ATOM   110 C  "C3'" . DT  A 1 6 ? -2.940  3.618   8.469   1.00 20.96 ? 6   DT  A "C3'" 1 
ATOM   111 O  "O3'" . DT  A 1 6 ? -3.558  4.216   9.598   1.00 22.68 ? 6   DT  A "O3'" 1 
ATOM   112 C  "C2'" . DT  A 1 6 ? -1.938  4.586   7.888   1.00 19.93 ? 6   DT  A "C2'" 1 
ATOM   113 C  "C1'" . DT  A 1 6 ? -1.001  3.648   7.155   1.00 19.45 ? 6   DT  A "C1'" 1 
ATOM   114 N  N1    . DT  A 1 6 ? -1.337  3.489   5.737   1.00 18.62 ? 6   DT  A N1    1 
ATOM   115 C  C2    . DT  A 1 6 ? -0.889  4.479   4.900   1.00 18.03 ? 6   DT  A C2    1 
ATOM   116 O  O2    . DT  A 1 6 ? -0.256  5.447   5.291   1.00 21.22 ? 6   DT  A O2    1 
ATOM   117 N  N3    . DT  A 1 6 ? -1.196  4.291   3.578   1.00 19.15 ? 6   DT  A N3    1 
ATOM   118 C  C4    . DT  A 1 6 ? -1.899  3.241   3.024   1.00 19.06 ? 6   DT  A C4    1 
ATOM   119 O  O4    . DT  A 1 6 ? -2.077  3.199   1.811   1.00 20.40 ? 6   DT  A O4    1 
ATOM   120 C  C5    . DT  A 1 6 ? -2.365  2.249   3.962   1.00 18.52 ? 6   DT  A C5    1 
ATOM   121 C  C7    . DT  A 1 6 ? -3.153  1.084   3.455   1.00 18.19 ? 6   DT  A C7    1 
ATOM   122 C  C6    . DT  A 1 6 ? -2.069  2.423   5.258   1.00 18.23 ? 6   DT  A C6    1 
ATOM   123 P  P     . DC  A 1 7 ? -5.005  4.865   9.453   1.00 24.96 ? 7   DC  A P     1 
ATOM   124 O  OP1   . DC  A 1 7 ? -5.459  5.273   10.806  1.00 28.88 ? 7   DC  A OP1   1 
ATOM   125 O  OP2   . DC  A 1 7 ? -5.850  3.958   8.640   1.00 26.38 ? 7   DC  A OP2   1 
ATOM   126 O  "O5'" . DC  A 1 7 ? -4.758  6.153   8.551   1.00 20.15 ? 7   DC  A "O5'" 1 
ATOM   127 C  "C5'" . DC  A 1 7 ? -4.032  7.285   9.046   1.00 20.28 ? 7   DC  A "C5'" 1 
ATOM   128 C  "C4'" . DC  A 1 7 ? -3.672  8.212   7.911   1.00 18.52 ? 7   DC  A "C4'" 1 
ATOM   129 O  "O4'" . DC  A 1 7 ? -2.914  7.514   6.900   1.00 19.73 ? 7   DC  A "O4'" 1 
ATOM   130 C  "C3'" . DC  A 1 7 ? -4.842  8.823   7.152   1.00 18.26 ? 7   DC  A "C3'" 1 
ATOM   131 O  "O3'" . DC  A 1 7 ? -5.353  9.959   7.843   1.00 19.06 ? 7   DC  A "O3'" 1 
ATOM   132 C  "C2'" . DC  A 1 7 ? -4.185  9.222   5.848   1.00 20.06 ? 7   DC  A "C2'" 1 
ATOM   133 C  "C1'" . DC  A 1 7 ? -3.189  8.090   5.626   1.00 19.44 ? 7   DC  A "C1'" 1 
ATOM   134 N  N1    . DC  A 1 7 ? -3.685  7.025   4.732   1.00 18.40 ? 7   DC  A N1    1 
ATOM   135 C  C2    . DC  A 1 7 ? -3.549  7.212   3.356   1.00 20.82 ? 7   DC  A C2    1 
ATOM   136 O  O2    . DC  A 1 7 ? -3.020  8.257   2.947   1.00 24.02 ? 7   DC  A O2    1 
ATOM   137 N  N3    . DC  A 1 7 ? -3.982  6.250   2.510   1.00 19.10 ? 7   DC  A N3    1 
ATOM   138 C  C4    . DC  A 1 7 ? -4.558  5.148   2.994   1.00 18.61 ? 7   DC  A C4    1 
ATOM   139 N  N4    . DC  A 1 7 ? -4.971  4.224   2.124   1.00 18.45 ? 7   DC  A N4    1 
ATOM   140 C  C5    . DC  A 1 7 ? -4.723  4.937   4.392   1.00 18.82 ? 7   DC  A C5    1 
ATOM   141 C  C6    . DC  A 1 7 ? -4.283  5.896   5.218   1.00 19.22 ? 7   DC  A C6    1 
ATOM   142 P  P     . DC  A 1 8 ? -6.831  10.479  7.559   1.00 19.79 ? 8   DC  A P     1 
ATOM   143 O  OP1   . DC  A 1 8 ? -7.078  11.611  8.483   1.00 20.47 ? 8   DC  A OP1   1 
ATOM   144 O  OP2   . DC  A 1 8 ? -7.745  9.317   7.582   1.00 21.29 ? 8   DC  A OP2   1 
ATOM   145 O  "O5'" . DC  A 1 8 ? -6.760  11.024  6.062   1.00 20.70 ? 8   DC  A "O5'" 1 
ATOM   146 C  "C5'" . DC  A 1 8 ? -5.965  12.189  5.750   1.00 22.55 ? 8   DC  A "C5'" 1 
ATOM   147 C  "C4'" . DC  A 1 8 ? -6.170  12.620  4.315   1.00 24.24 ? 8   DC  A "C4'" 1 
ATOM   148 O  "O4'" . DC  A 1 8 ? -5.788  11.553  3.417   1.00 23.87 ? 8   DC  A "O4'" 1 
ATOM   149 C  "C3'" . DC  A 1 8 ? -7.610  13.001  3.966   1.00 25.87 ? 8   DC  A "C3'" 1 
ATOM   150 O  "O3'" . DC  A 1 8 ? -7.664  14.334  3.453   1.00 32.79 ? 8   DC  A "O3'" 1 
ATOM   151 C  "C2'" . DC  A 1 8 ? -8.038  11.992  2.914   1.00 25.16 ? 8   DC  A "C2'" 1 
ATOM   152 C  "C1'" . DC  A 1 8 ? -6.740  11.413  2.376   1.00 23.15 ? 8   DC  A "C1'" 1 
ATOM   153 N  N1    . DC  A 1 8 ? -6.845  9.977   2.048   1.00 19.74 ? 8   DC  A N1    1 
ATOM   154 C  C2    . DC  A 1 8 ? -6.718  9.566   0.715   1.00 18.70 ? 8   DC  A C2    1 
ATOM   155 O  O2    . DC  A 1 8 ? -6.497  10.416  -0.160  1.00 20.83 ? 8   DC  A O2    1 
ATOM   156 N  N3    . DC  A 1 8 ? -6.845  8.253   0.414   1.00 18.09 ? 8   DC  A N3    1 
ATOM   157 C  C4    . DC  A 1 8 ? -7.098  7.369   1.382   1.00 17.47 ? 8   DC  A C4    1 
ATOM   158 N  N4    . DC  A 1 8 ? -7.215  6.084   1.042   1.00 18.05 ? 8   DC  A N4    1 
ATOM   159 C  C5    . DC  A 1 8 ? -7.231  7.761   2.746   1.00 18.36 ? 8   DC  A C5    1 
ATOM   160 C  C6    . DC  A 1 8 ? -7.108  9.062   3.030   1.00 19.23 ? 8   DC  A C6    1 
HETATM 161 HG HG    . HG  B 2 . ? -0.669  5.656   2.170   0.60 17.71 ? 101 HG  A HG    1 
HETATM 162 SR SR    . SR  C 3 . ? -1.879  2.633   -0.651  0.85 18.78 ? 102 SR  A SR    1 
HETATM 163 O  O     . HOH D 4 . ? -0.285  7.344   3.636   1.00 25.34 ? 201 HOH A O     1 
HETATM 164 O  O     . HOH D 4 . ? -0.014  -2.016  -7.484  1.00 28.43 ? 202 HOH A O     1 
HETATM 165 O  O     . HOH D 4 . ? -4.224  -9.820  5.294   1.00 32.22 ? 203 HOH A O     1 
HETATM 166 O  O     . HOH D 4 . ? -9.165  8.192   5.669   1.00 28.58 ? 204 HOH A O     1 
HETATM 167 O  O     . HOH D 4 . ? 4.853   1.620   -10.718 1.00 41.29 ? 205 HOH A O     1 
HETATM 168 O  O     . HOH D 4 . ? -2.737  -4.398  -1.204  1.00 38.78 ? 206 HOH A O     1 
HETATM 169 O  O     . HOH D 4 . ? 0.376   -3.701  -12.762 1.00 36.03 ? 207 HOH A O     1 
HETATM 170 O  O     . HOH D 4 . ? -4.011  -6.710  7.716   1.00 32.04 ? 208 HOH A O     1 
HETATM 171 O  O     . HOH D 4 . ? 9.554   1.500   -6.943  1.00 26.70 ? 209 HOH A O     1 
HETATM 172 O  O     . HOH D 4 . ? -3.280  -7.124  -4.575  1.00 53.73 ? 210 HOH A O     1 
HETATM 173 O  O     . HOH D 4 . ? -2.747  -3.572  1.521   1.00 26.72 ? 211 HOH A O     1 
HETATM 174 O  O     . HOH D 4 . ? 9.852   0.406   -4.217  1.00 23.54 ? 212 HOH A O     1 
HETATM 175 O  O     . HOH D 4 . ? 5.685   0.570   -4.781  1.00 21.84 ? 213 HOH A O     1 
HETATM 176 O  O     . HOH D 4 . ? 2.588   -0.735  -14.969 1.00 26.66 ? 214 HOH A O     1 
HETATM 177 O  O     . HOH D 4 . ? 2.001   0.808   7.170   1.00 21.69 ? 215 HOH A O     1 
HETATM 178 O  O     . HOH D 4 . ? 1.968   -0.335  -7.976  1.00 30.89 ? 216 HOH A O     1 
HETATM 179 O  O     . HOH D 4 . ? -6.583  2.109   3.138   1.00 23.49 ? 217 HOH A O     1 
HETATM 180 O  O     . HOH D 4 . ? -6.148  1.965   6.026   1.00 35.53 ? 218 HOH A O     1 
HETATM 181 O  O     . HOH D 4 . ? -1.142  -3.932  -3.715  1.00 29.03 ? 219 HOH A O     1 
HETATM 182 O  O     . HOH D 4 . ? -5.145  -8.590  -0.726  1.00 20.84 ? 220 HOH A O     1 
HETATM 183 O  O     . HOH D 4 . ? -1.767  0.000   -0.671  1.00 19.30 ? 221 HOH A O     1 
HETATM 184 O  O     . HOH D 4 . ? -0.464  -1.039  -3.016  1.00 22.94 ? 222 HOH A O     1 
HETATM 185 O  O     . HOH D 4 . ? -5.524  -1.844  3.845   1.00 68.76 ? 223 HOH A O     1 
HETATM 186 O  O     . HOH D 4 . ? -8.459  7.104   9.318   1.00 35.05 ? 224 HOH A O     1 
HETATM 187 O  O     . HOH D 4 . ? 6.122   -7.986  -5.745  1.00 22.14 ? 225 HOH A O     1 
HETATM 188 O  O     . HOH D 4 . ? 7.902   1.185   -2.424  1.00 23.46 ? 226 HOH A O     1 
HETATM 189 O  O     . HOH D 4 . ? -8.172  4.357   3.234   1.00 20.55 ? 227 HOH A O     1 
HETATM 190 O  O     . HOH D 4 . ? 6.338   -9.007  -2.552  1.00 27.06 ? 228 HOH A O     1 
HETATM 191 O  O     . HOH D 4 . ? -9.636  9.875   -0.365  1.00 43.48 ? 229 HOH A O     1 
HETATM 192 O  O     . HOH D 4 . ? 4.105   -9.837  -5.701  1.00 26.69 ? 230 HOH A O     1 
HETATM 193 O  O     . HOH D 4 . ? 2.818   1.113   -2.875  1.00 28.50 ? 231 HOH A O     1 
HETATM 194 O  O     . HOH D 4 . ? -4.777  10.716  10.963  1.00 40.28 ? 232 HOH A O     1 
HETATM 195 O  O     . HOH D 4 . ? -7.937  14.373  0.157   1.00 42.79 ? 233 HOH A O     1 
HETATM 196 O  O     . HOH D 4 . ? 1.198   0.518   9.764   1.00 25.95 ? 234 HOH A O     1 
HETATM 197 O  O     . HOH D 4 . ? 0.560   3.081   11.096  1.00 33.07 ? 235 HOH A O     1 
HETATM 198 O  O     . HOH D 4 . ? -1.077  -11.063 -5.188  1.00 61.64 ? 236 HOH A O     1 
HETATM 199 O  O     . HOH D 4 . ? 8.077   -9.595  -4.691  1.00 32.85 ? 237 HOH A O     1 
HETATM 200 O  O     . HOH D 4 . ? -8.377  5.414   5.649   1.00 34.31 ? 238 HOH A O     1 
HETATM 201 O  O     . HOH D 4 . ? 2.971   1.108   -5.832  1.00 27.42 ? 239 HOH A O     1 
HETATM 202 O  O     . HOH D 4 . ? 0.463   2.027   -9.113  0.50 42.93 ? 240 HOH A O     1 
HETATM 203 O  O     . HOH D 4 . ? 7.081   2.615   -5.817  1.00 30.62 ? 241 HOH A O     1 
HETATM 204 O  O     . HOH D 4 . ? -12.402 8.549   7.348   1.00 40.24 ? 242 HOH A O     1 
HETATM 205 O  O     . HOH D 4 . ? 2.345   -10.577 -7.838  1.00 40.09 ? 243 HOH A O     1 
HETATM 206 O  O     . HOH D 4 . ? -6.325  9.459   12.961  1.00 58.59 ? 244 HOH A O     1 
# 
loop_
_atom_site_anisotrop.id 
_atom_site_anisotrop.type_symbol 
_atom_site_anisotrop.pdbx_label_atom_id 
_atom_site_anisotrop.pdbx_label_alt_id 
_atom_site_anisotrop.pdbx_label_comp_id 
_atom_site_anisotrop.pdbx_label_asym_id 
_atom_site_anisotrop.pdbx_label_seq_id 
_atom_site_anisotrop.pdbx_PDB_ins_code 
_atom_site_anisotrop.U[1][1] 
_atom_site_anisotrop.U[2][2] 
_atom_site_anisotrop.U[3][3] 
_atom_site_anisotrop.U[1][2] 
_atom_site_anisotrop.U[1][3] 
_atom_site_anisotrop.U[2][3] 
_atom_site_anisotrop.pdbx_auth_seq_id 
_atom_site_anisotrop.pdbx_auth_comp_id 
_atom_site_anisotrop.pdbx_auth_asym_id 
_atom_site_anisotrop.pdbx_auth_atom_id 
1   O  "O5'" . DG  A 1 ? 0.3269 0.2261 0.2496 0.0317  0.0112  0.0014  1   DG  A "O5'" 
2   C  "C5'" . DG  A 1 ? 0.2939 0.2478 0.2509 0.0297  -0.0004 0.0012  1   DG  A "C5'" 
3   C  "C4'" . DG  A 1 ? 0.2817 0.2451 0.2435 0.0250  -0.0256 0.0004  1   DG  A "C4'" 
4   O  "O4'" . DG  A 1 ? 0.2754 0.2291 0.2009 0.0277  -0.0239 -0.0102 1   DG  A "O4'" 
5   C  "C3'" . DG  A 1 ? 0.2774 0.2305 0.2448 0.0278  -0.0274 -0.0061 1   DG  A "C3'" 
6   O  "O3'" . DG  A 1 ? 0.2764 0.2752 0.2699 0.0361  -0.0354 -0.0020 1   DG  A "O3'" 
7   C  "C2'" . DG  A 1 ? 0.2759 0.2274 0.2157 0.0164  -0.0147 -0.0052 1   DG  A "C2'" 
8   C  "C1'" . DG  A 1 ? 0.2694 0.2228 0.2032 0.0338  -0.0118 -0.0157 1   DG  A "C1'" 
9   N  N9    . DG  A 1 ? 0.2579 0.2205 0.2103 0.0285  -0.0233 -0.0101 1   DG  A N9    
10  C  C8    . DG  A 1 ? 0.2521 0.2181 0.2201 0.0216  -0.0133 -0.0098 1   DG  A C8    
11  N  N7    . DG  A 1 ? 0.2477 0.2105 0.2332 0.0205  -0.0247 -0.0261 1   DG  A N7    
12  C  C5    . DG  A 1 ? 0.2266 0.2179 0.2145 0.0099  -0.0019 -0.0131 1   DG  A C5    
13  C  C6    . DG  A 1 ? 0.2345 0.2083 0.2068 0.0299  0.0008  -0.0345 1   DG  A C6    
14  O  O6    . DG  A 1 ? 0.2529 0.2116 0.2301 0.0187  -0.0372 -0.0322 1   DG  A O6    
15  N  N1    . DG  A 1 ? 0.2279 0.2169 0.2134 0.0115  -0.0043 -0.0148 1   DG  A N1    
16  C  C2    . DG  A 1 ? 0.2859 0.2283 0.1950 0.0279  -0.0010 -0.0196 1   DG  A C2    
17  N  N2    . DG  A 1 ? 0.3077 0.2323 0.2107 0.0363  0.0010  -0.0125 1   DG  A N2    
18  N  N3    . DG  A 1 ? 0.2599 0.2216 0.2089 0.0176  -0.0185 -0.0016 1   DG  A N3    
19  C  C4    . DG  A 1 ? 0.2541 0.2191 0.1987 0.0278  -0.0027 -0.0135 1   DG  A C4    
20  P  P     . DG  A 2 ? 0.2822 0.2791 0.3080 0.0293  -0.0379 0.0150  2   DG  A P     
21  O  OP1   . DG  A 2 ? 0.3095 0.3372 0.3468 0.0273  -0.0678 0.0318  2   DG  A OP1   
22  O  OP2   . DG  A 2 ? 0.2893 0.2827 0.3228 0.0508  -0.0060 -0.0023 2   DG  A OP2   
23  O  "O5'" . DG  A 2 ? 0.2710 0.2748 0.2672 0.0244  -0.0313 -0.0053 2   DG  A "O5'" 
24  C  "C5'" . DG  A 2 ? 0.2714 0.2939 0.2336 0.0437  -0.0372 -0.0193 2   DG  A "C5'" 
25  C  "C4'" . DG  A 2 ? 0.2548 0.2650 0.2107 0.0217  -0.0045 -0.0185 2   DG  A "C4'" 
26  O  "O4'" . DG  A 2 ? 0.2659 0.2854 0.2108 0.0041  -0.0056 -0.0037 2   DG  A "O4'" 
27  C  "C3'" . DG  A 2 ? 0.2555 0.2488 0.2022 0.0110  -0.0124 -0.0177 2   DG  A "C3'" 
28  O  "O3'" . DG  A 2 ? 0.2711 0.2756 0.2425 0.0013  -0.0106 -0.0283 2   DG  A "O3'" 
29  C  "C2'" . DG  A 2 ? 0.2845 0.2412 0.1998 0.0218  -0.0149 0.0040  2   DG  A "C2'" 
30  C  "C1'" . DG  A 2 ? 0.2682 0.2375 0.2163 0.0314  -0.0134 -0.0122 2   DG  A "C1'" 
31  N  N9    . DG  A 2 ? 0.2498 0.2280 0.2216 0.0337  0.0052  -0.0111 2   DG  A N9    
32  C  C8    . DG  A 2 ? 0.2533 0.2363 0.2050 0.0363  0.0025  -0.0062 2   DG  A C8    
33  N  N7    . DG  A 2 ? 0.2450 0.2361 0.2089 0.0394  0.0067  -0.0083 2   DG  A N7    
34  C  C5    . DG  A 2 ? 0.2523 0.2119 0.2171 0.0296  -0.0015 -0.0118 2   DG  A C5    
35  C  C6    . DG  A 2 ? 0.2366 0.2275 0.2178 0.0003  0.0021  0.0019  2   DG  A C6    
36  O  O6    . DG  A 2 ? 0.2358 0.2119 0.2252 0.0221  0.0091  -0.0017 2   DG  A O6    
37  N  N1    . DG  A 2 ? 0.2565 0.2449 0.2003 0.0108  0.0049  0.0049  2   DG  A N1    
38  C  C2    . DG  A 2 ? 0.2534 0.2355 0.2341 0.0106  0.0037  0.0081  2   DG  A C2    
39  N  N2    . DG  A 2 ? 0.2770 0.2484 0.2195 0.0232  -0.0148 0.0064  2   DG  A N2    
40  N  N3    . DG  A 2 ? 0.2708 0.2259 0.2386 0.0179  -0.0003 0.0053  2   DG  A N3    
41  C  C4    . DG  A 2 ? 0.2370 0.2147 0.2084 0.0195  0.0094  -0.0113 2   DG  A C4    
42  P  P     . DT  A 3 ? 0.2792 0.3024 0.2472 0.0033  -0.0025 -0.0201 3   DT  A P     
43  O  OP1   . DT  A 3 ? 0.2957 0.3561 0.2868 -0.0189 -0.0184 -0.0364 3   DT  A OP1   
44  O  OP2   . DT  A 3 ? 0.3012 0.3037 0.2715 0.0276  -0.0029 -0.0196 3   DT  A OP2   
45  O  "O5'" . DT  A 3 ? 0.3071 0.2773 0.2318 -0.0100 0.0161  -0.0198 3   DT  A "O5'" 
46  C  "C5'" . DT  A 3 ? 0.3177 0.2720 0.2382 -0.0233 0.0219  -0.0119 3   DT  A "C5'" 
47  C  "C4'" . DT  A 3 ? 0.3063 0.2605 0.2569 -0.0091 0.0061  -0.0145 3   DT  A "C4'" 
48  O  "O4'" . DT  A 3 ? 0.3139 0.2611 0.2707 -0.0129 0.0187  -0.0072 3   DT  A "O4'" 
49  C  "C3'" . DT  A 3 ? 0.3107 0.2702 0.2598 -0.0123 0.0076  -0.0151 3   DT  A "C3'" 
50  O  "O3'" . DT  A 3 ? 0.3508 0.3065 0.2555 -0.0552 -0.0154 0.0185  3   DT  A "O3'" 
51  C  "C2'" . DT  A 3 ? 0.3138 0.2833 0.2658 0.0105  0.0064  -0.0236 3   DT  A "C2'" 
52  C  "C1'" . DT  A 3 ? 0.3014 0.2545 0.2803 -0.0011 -0.0077 -0.0128 3   DT  A "C1'" 
53  N  N1    . DT  A 3 ? 0.2782 0.2579 0.2326 0.0003  -0.0044 -0.0255 3   DT  A N1    
54  C  C2    . DT  A 3 ? 0.2869 0.2589 0.2845 0.0067  -0.0373 -0.0318 3   DT  A C2    
55  O  O2    . DT  A 3 ? 0.3978 0.2683 0.3117 0.0154  -0.0364 -0.0016 3   DT  A O2    
56  N  N3    . DT  A 3 ? 0.2417 0.2548 0.2320 0.0206  -0.0071 -0.0249 3   DT  A N3    
57  C  C4    . DT  A 3 ? 0.2478 0.2493 0.2069 0.0236  0.0273  -0.0186 3   DT  A C4    
58  O  O4    . DT  A 3 ? 0.2683 0.2621 0.2497 -0.0151 0.0349  -0.0131 3   DT  A O4    
59  C  C5    . DT  A 3 ? 0.2405 0.2616 0.2111 0.0093  0.0239  -0.0215 3   DT  A C5    
60  C  C7    . DT  A 3 ? 0.2363 0.2341 0.2318 0.0171  0.0344  -0.0234 3   DT  A C7    
61  C  C6    . DT  A 3 ? 0.2727 0.2658 0.2207 -0.0055 0.0329  -0.0013 3   DT  A C6    
62  P  P     . DC  A 4 ? 0.3487 0.4433 0.2268 -0.0345 -0.0404 0.0154  4   DC  A P     
63  O  OP1   . DC  A 4 ? 0.4555 0.4940 0.3107 -0.0997 -0.0097 0.0005  4   DC  A OP1   
64  O  OP2   . DC  A 4 ? 0.4002 0.4380 0.2628 -0.0470 -0.0468 0.0359  4   DC  A OP2   
65  O  "O5'" . DC  A 4 ? 0.2619 0.2903 0.2359 -0.0105 -0.0324 0.0250  4   DC  A "O5'" 
66  C  "C5'" . DC  A 4 ? 0.2574 0.2832 0.2157 -0.0070 -0.0081 0.0127  4   DC  A "C5'" 
67  C  "C4'" . DC  A 4 ? 0.2567 0.2483 0.2219 0.0088  -0.0095 0.0054  4   DC  A "C4'" 
68  O  "O4'" . DC  A 4 ? 0.2354 0.2575 0.2379 0.0132  -0.0071 -0.0015 4   DC  A "O4'" 
69  C  "C3'" . DC  A 4 ? 0.2343 0.2692 0.2382 0.0174  -0.0059 0.0117  4   DC  A "C3'" 
70  O  "O3'" . DC  A 4 ? 0.2595 0.2823 0.2421 0.0033  0.0041  0.0141  4   DC  A "O3'" 
71  C  "C2'" . DC  A 4 ? 0.2443 0.2450 0.2339 0.0191  0.0165  0.0097  4   DC  A "C2'" 
72  C  "C1'" . DC  A 4 ? 0.2211 0.2464 0.2112 0.0231  -0.0066 0.0137  4   DC  A "C1'" 
73  N  N1    . DC  A 4 ? 0.2180 0.2232 0.2153 0.0088  0.0026  0.0079  4   DC  A N1    
74  C  C2    . DC  A 4 ? 0.2071 0.2131 0.2190 0.0235  -0.0026 0.0112  4   DC  A C2    
75  O  O2    . DC  A 4 ? 0.2864 0.2419 0.2528 0.0047  -0.0600 0.0214  4   DC  A O2    
76  N  N3    . DC  A 4 ? 0.2199 0.2219 0.2054 0.0007  -0.0017 0.0137  4   DC  A N3    
77  C  C4    . DC  A 4 ? 0.2099 0.2324 0.2037 0.0197  0.0024  0.0006  4   DC  A C4    
78  N  N4    . DC  A 4 ? 0.2235 0.1994 0.2098 0.0166  0.0004  -0.0139 4   DC  A N4    
79  C  C5    . DC  A 4 ? 0.2228 0.2262 0.2199 0.0135  0.0107  0.0065  4   DC  A C5    
80  C  C6    . DC  A 4 ? 0.2068 0.2290 0.2240 0.0172  0.0026  0.0104  4   DC  A C6    
81  P  P     . DG  A 5 ? 0.2611 0.2815 0.2734 0.0029  0.0087  0.0245  5   DG  A P     
82  O  OP1   . DG  A 5 ? 0.2898 0.3210 0.3659 -0.0333 0.0254  0.0446  5   DG  A OP1   
83  O  OP2   . DG  A 5 ? 0.2561 0.3181 0.2539 -0.0050 -0.0016 0.0022  5   DG  A OP2   
84  O  "O5'" . DG  A 5 ? 0.2662 0.2622 0.2832 0.0190  0.0064  0.0232  5   DG  A "O5'" 
85  C  "C5'" . DG  A 5 ? 0.2457 0.2582 0.2461 0.0130  0.0291  0.0268  5   DG  A "C5'" 
86  C  "C4'" . DG  A 5 ? 0.2592 0.2475 0.2369 0.0218  0.0235  0.0272  5   DG  A "C4'" 
87  O  "O4'" . DG  A 5 ? 0.2251 0.2326 0.2596 0.0372  0.0020  0.0302  5   DG  A "O4'" 
88  C  "C3'" . DG  A 5 ? 0.2501 0.2463 0.2407 0.0318  0.0211  0.0321  5   DG  A "C3'" 
89  O  "O3'" . DG  A 5 ? 0.2799 0.2491 0.2698 0.0509  0.0462  0.0359  5   DG  A "O3'" 
90  C  "C2'" . DG  A 5 ? 0.2382 0.2473 0.2283 0.0491  0.0045  0.0299  5   DG  A "C2'" 
91  C  "C1'" . DG  A 5 ? 0.2265 0.2428 0.2264 0.0255  0.0043  0.0199  5   DG  A "C1'" 
92  N  N9    . DG  A 5 ? 0.2071 0.2323 0.2282 0.0268  0.0090  0.0153  5   DG  A N9    
93  C  C8    . DG  A 5 ? 0.2257 0.2106 0.2270 0.0152  0.0135  0.0081  5   DG  A C8    
94  N  N7    . DG  A 5 ? 0.2171 0.2185 0.2055 0.0244  0.0042  0.0001  5   DG  A N7    
95  C  C5    . DG  A 5 ? 0.1921 0.2139 0.2250 0.0385  -0.0071 -0.0017 5   DG  A C5    
96  C  C6    . DG  A 5 ? 0.1910 0.2256 0.2054 0.0392  -0.0004 0.0010  5   DG  A C6    
97  O  O6    . DG  A 5 ? 0.2231 0.2271 0.2049 0.0158  -0.0121 0.0036  5   DG  A O6    
98  N  N1    . DG  A 5 ? 0.2064 0.2176 0.2187 0.0255  -0.0007 0.0052  5   DG  A N1    
99  C  C2    . DG  A 5 ? 0.1889 0.2133 0.2117 0.0375  0.0116  0.0070  5   DG  A C2    
100 N  N2    . DG  A 5 ? 0.1928 0.2341 0.2260 0.0259  0.0019  0.0025  5   DG  A N2    
101 N  N3    . DG  A 5 ? 0.1936 0.2069 0.2405 0.0334  0.0029  0.0068  5   DG  A N3    
102 C  C4    . DG  A 5 ? 0.2035 0.2176 0.2220 0.0342  0.0078  0.0087  5   DG  A C4    
103 P  P     . DT  A 6 ? 0.2616 0.2954 0.3069 0.0540  0.0607  0.0483  6   DT  A P     
104 O  OP1   . DT  A 6 ? 0.3129 0.3301 0.3192 0.0433  0.0757  0.0552  6   DT  A OP1   
105 O  OP2   . DT  A 6 ? 0.2555 0.3176 0.3151 0.0297  0.0564  0.0542  6   DT  A OP2   
106 O  "O5'" . DT  A 6 ? 0.2709 0.2899 0.2615 0.0619  0.0292  0.0247  6   DT  A "O5'" 
107 C  "C5'" . DT  A 6 ? 0.3013 0.2787 0.2624 0.0496  0.0264  0.0071  6   DT  A "C5'" 
108 C  "C4'" . DT  A 6 ? 0.2767 0.2901 0.2392 0.0419  0.0050  0.0205  6   DT  A "C4'" 
109 O  "O4'" . DT  A 6 ? 0.2806 0.2674 0.2403 0.0470  0.0072  0.0140  6   DT  A "O4'" 
110 C  "C3'" . DT  A 6 ? 0.2604 0.2648 0.2708 0.0373  0.0174  -0.0072 6   DT  A "C3'" 
111 O  "O3'" . DT  A 6 ? 0.3135 0.2819 0.2664 0.0324  0.0613  0.0163  6   DT  A "O3'" 
112 C  "C2'" . DT  A 6 ? 0.2474 0.2735 0.2361 0.0387  -0.0025 0.0024  6   DT  A "C2'" 
113 C  "C1'" . DT  A 6 ? 0.2440 0.2590 0.2360 0.0266  0.0010  0.0061  6   DT  A "C1'" 
114 N  N1    . DT  A 6 ? 0.2261 0.2508 0.2305 0.0262  0.0137  -0.0032 6   DT  A N1    
115 C  C2    . DT  A 6 ? 0.1804 0.2644 0.2398 0.0324  0.0051  0.0156  6   DT  A C2    
116 O  O2    . DT  A 6 ? 0.2413 0.2832 0.2816 0.0083  -0.0093 0.0019  6   DT  A O2    
117 N  N3    . DT  A 6 ? 0.2193 0.2703 0.2377 0.0268  0.0056  0.0176  6   DT  A N3    
118 C  C4    . DT  A 6 ? 0.2117 0.2683 0.2438 0.0367  -0.0163 0.0194  6   DT  A C4    
119 O  O4    . DT  A 6 ? 0.2481 0.2848 0.2420 0.0513  -0.0176 -0.0109 6   DT  A O4    
120 C  C5    . DT  A 6 ? 0.2204 0.2377 0.2455 0.0447  0.0026  0.0082  6   DT  A C5    
121 C  C7    . DT  A 6 ? 0.2294 0.2400 0.2215 0.0368  0.0043  0.0167  6   DT  A C7    
122 C  C6    . DT  A 6 ? 0.2089 0.2361 0.2474 0.0410  0.0038  0.0027  6   DT  A C6    
123 P  P     . DC  A 7 ? 0.3290 0.2784 0.3408 0.0584  0.0911  0.0321  7   DC  A P     
124 O  OP1   . DC  A 7 ? 0.4196 0.3052 0.3721 0.0870  0.1543  0.0534  7   DC  A OP1   
125 O  OP2   . DC  A 7 ? 0.2982 0.3041 0.4000 0.0427  0.0612  0.0177  7   DC  A OP2   
126 O  "O5'" . DC  A 7 ? 0.2610 0.2617 0.2428 0.0344  0.0267  -0.0080 7   DC  A "O5'" 
127 C  "C5'" . DC  A 7 ? 0.2597 0.2645 0.2462 0.0285  0.0225  -0.0057 7   DC  A "C5'" 
128 C  "C4'" . DC  A 7 ? 0.2183 0.2670 0.2184 0.0060  -0.0036 -0.0227 7   DC  A "C4'" 
129 O  "O4'" . DC  A 7 ? 0.2500 0.2669 0.2325 0.0213  0.0064  -0.0200 7   DC  A "O4'" 
130 C  "C3'" . DC  A 7 ? 0.2358 0.2314 0.2266 -0.0001 -0.0127 -0.0161 7   DC  A "C3'" 
131 O  "O3'" . DC  A 7 ? 0.2550 0.2433 0.2259 0.0135  -0.0150 -0.0245 7   DC  A "O3'" 
132 C  "C2'" . DC  A 7 ? 0.2695 0.2435 0.2490 -0.0048 -0.0008 -0.0026 7   DC  A "C2'" 
133 C  "C1'" . DC  A 7 ? 0.2426 0.2565 0.2395 -0.0151 -0.0070 -0.0149 7   DC  A "C1'" 
134 N  N1    . DC  A 7 ? 0.2467 0.2331 0.2193 -0.0104 -0.0005 -0.0013 7   DC  A N1    
135 C  C2    . DC  A 7 ? 0.2878 0.2861 0.2170 -0.0231 0.0178  -0.0210 7   DC  A C2    
136 O  O2    . DC  A 7 ? 0.3985 0.3212 0.1929 -0.0747 0.0461  -0.0174 7   DC  A O2    
137 N  N3    . DC  A 7 ? 0.2529 0.2479 0.2248 0.0028  0.0185  -0.0232 7   DC  A N3    
138 C  C4    . DC  A 7 ? 0.2009 0.2616 0.2445 0.0078  -0.0024 -0.0025 7   DC  A C4    
139 N  N4    . DC  A 7 ? 0.2472 0.2216 0.2322 0.0162  -0.0092 0.0259  7   DC  A N4    
140 C  C5    . DC  A 7 ? 0.2214 0.2398 0.2536 0.0161  -0.0046 0.0151  7   DC  A C5    
141 C  C6    . DC  A 7 ? 0.2455 0.2243 0.2602 0.0063  -0.0069 0.0173  7   DC  A C6    
142 P  P     . DC  A 8 ? 0.2596 0.2504 0.2419 0.0254  -0.0147 -0.0344 8   DC  A P     
143 O  OP1   . DC  A 8 ? 0.2715 0.2695 0.2366 0.0384  0.0066  -0.0391 8   DC  A OP1   
144 O  OP2   . DC  A 8 ? 0.2516 0.2812 0.2758 0.0186  -0.0121 -0.0221 8   DC  A OP2   
145 O  "O5'" . DC  A 8 ? 0.3055 0.2430 0.2379 0.0186  -0.0385 -0.0360 8   DC  A "O5'" 
146 C  "C5'" . DC  A 8 ? 0.3349 0.2489 0.2729 0.0065  -0.0363 -0.0237 8   DC  A "C5'" 
147 C  "C4'" . DC  A 8 ? 0.3830 0.2623 0.2755 0.0016  -0.0195 -0.0215 8   DC  A "C4'" 
148 O  "O4'" . DC  A 8 ? 0.3930 0.2392 0.2746 0.0072  -0.0314 -0.0130 8   DC  A "O4'" 
149 C  "C3'" . DC  A 8 ? 0.3717 0.3238 0.2873 -0.0042 -0.0122 -0.0038 8   DC  A "C3'" 
150 O  "O3'" . DC  A 8 ? 0.5135 0.3151 0.4172 0.0135  -0.0584 -0.0032 8   DC  A "O3'" 
151 C  "C2'" . DC  A 8 ? 0.3706 0.2612 0.3242 0.0151  0.0008  -0.0049 8   DC  A "C2'" 
152 C  "C1'" . DC  A 8 ? 0.3758 0.2618 0.2420 0.0256  -0.0151 -0.0042 8   DC  A "C1'" 
153 N  N1    . DC  A 8 ? 0.2994 0.2599 0.1905 0.0273  -0.0173 0.0034  8   DC  A N1    
154 C  C2    . DC  A 8 ? 0.2683 0.2458 0.1962 0.0009  -0.0105 -0.0014 8   DC  A C2    
155 O  O2    . DC  A 8 ? 0.3075 0.2638 0.2201 0.0135  -0.0010 0.0114  8   DC  A O2    
156 N  N3    . DC  A 8 ? 0.2621 0.2316 0.1935 0.0364  -0.0095 0.0121  8   DC  A N3    
157 C  C4    . DC  A 8 ? 0.2317 0.2379 0.1941 0.0453  -0.0170 0.0189  8   DC  A C4    
158 N  N4    . DC  A 8 ? 0.2428 0.2435 0.1997 0.0287  -0.0141 0.0071  8   DC  A N4    
159 C  C5    . DC  A 8 ? 0.2602 0.2440 0.1932 0.0299  -0.0093 0.0189  8   DC  A C5    
160 C  C6    . DC  A 8 ? 0.2693 0.2502 0.2111 0.0240  -0.0068 0.0053  8   DC  A C6    
161 HG HG    . HG  B . ? 0.2356 0.2256 0.2116 0.0331  0.0029  0.0123  101 HG  A HG    
162 SR SR    . SR  C . ? 0.2501 0.2300 0.2333 0.0289  -0.0136 0.0079  102 SR  A SR    
163 O  O     . HOH D . ? 0.2478 0.3583 0.3565 -0.0202 -0.0695 0.0560  201 HOH A O     
164 O  O     . HOH D . ? 0.4790 0.2691 0.3321 0.0764  0.0921  -0.0193 202 HOH A O     
165 O  O     . HOH D . ? 0.3359 0.3306 0.5576 -0.0083 -0.0972 0.0832  203 HOH A O     
166 O  O     . HOH D . ? 0.3692 0.4324 0.2843 -0.0572 -0.0334 -0.0087 204 HOH A O     
167 O  O     . HOH D . ? 0.5180 0.2351 0.8158 0.0165  0.1699  -0.1088 205 HOH A O     
168 O  O     . HOH D . ? 0.5433 0.5322 0.3977 -0.1182 -0.2020 0.0725  206 HOH A O     
169 O  O     . HOH D . ? 0.3523 0.4867 0.5297 -0.0328 -0.1428 0.1364  207 HOH A O     
170 O  O     . HOH D . ? 0.3626 0.4739 0.3807 -0.0396 0.0710  0.0686  208 HOH A O     
171 O  O     . HOH D . ? 0.4230 0.2811 0.3102 0.0472  -0.0732 -0.0444 209 HOH A O     
172 O  O     . HOH D . ? 0.9255 0.5815 0.5345 -0.2959 -0.3650 0.2413  210 HOH A O     
173 O  O     . HOH D . ? 0.3145 0.3318 0.3690 -0.0072 -0.0637 0.0284  211 HOH A O     
174 O  O     . HOH D . ? 0.3333 0.2449 0.3161 -0.0206 0.0221  -0.0221 212 HOH A O     
175 O  O     . HOH D . ? 0.3750 0.2547 0.1999 0.0490  0.0043  -0.0198 213 HOH A O     
176 O  O     . HOH D . ? 0.3215 0.3765 0.3149 0.0128  -0.0092 0.0424  214 HOH A O     
177 O  O     . HOH D . ? 0.2594 0.3377 0.2269 -0.0054 -0.0048 -0.0121 215 HOH A O     
178 O  O     . HOH D . ? 0.4963 0.3667 0.3105 -0.0097 -0.0053 -0.0257 216 HOH A O     
179 O  O     . HOH D . ? 0.2441 0.2969 0.3514 -0.0017 -0.0060 0.0497  217 HOH A O     
180 O  O     . HOH D . ? 0.4957 0.4619 0.3920 0.1804  0.1059  0.0756  218 HOH A O     
181 O  O     . HOH D . ? 0.4446 0.3420 0.3161 -0.0254 -0.0192 -0.0715 219 HOH A O     
182 O  O     . HOH D . ? 0.2839 0.2526 0.2552 -0.0188 0.0045  -0.0273 220 HOH A O     
183 O  O     . HOH D . ? 0.2425 0.2729 0.2176 0.0179  -0.0165 0.0012  221 HOH A O     
184 O  O     . HOH D . ? 0.3209 0.3099 0.2407 0.0832  -0.0282 -0.0278 222 HOH A O     
185 O  O     . HOH D . ? 0.7611 0.6669 1.1845 0.0264  -0.2375 -0.0495 223 HOH A O     
186 O  O     . HOH D . ? 0.4020 0.5296 0.4001 -0.0703 0.0149  0.0555  224 HOH A O     
187 O  O     . HOH D . ? 0.2905 0.2336 0.3168 -0.0012 -0.0182 -0.0504 225 HOH A O     
188 O  O     . HOH D . ? 0.3245 0.2490 0.3177 0.0203  0.0267  -0.0284 226 HOH A O     
189 O  O     . HOH D . ? 0.2842 0.2711 0.2254 0.0322  -0.0070 0.0180  227 HOH A O     
190 O  O     . HOH D . ? 0.3704 0.2254 0.4324 0.0277  -0.1043 -0.0306 228 HOH A O     
191 O  O     . HOH D . ? 0.2794 0.3930 0.9796 0.1049  -0.2850 0.1282  229 HOH A O     
192 O  O     . HOH D . ? 0.2863 0.3516 0.3759 0.0012  0.0039  -0.0817 230 HOH A O     
193 O  O     . HOH D . ? 0.4517 0.3255 0.3056 -0.1047 -0.1658 0.1083  231 HOH A O     
194 O  O     . HOH D . ? 0.3819 0.5920 0.5565 -0.0448 -0.1544 -0.0193 232 HOH A O     
195 O  O     . HOH D . ? 0.5639 0.7485 0.3134 0.0233  0.0540  -0.0148 233 HOH A O     
196 O  O     . HOH D . ? 0.3985 0.3397 0.2476 0.0168  0.0666  0.0138  234 HOH A O     
197 O  O     . HOH D . ? 0.3737 0.4409 0.4418 0.0447  -0.0104 -0.1264 235 HOH A O     
198 O  O     . HOH D . ? 1.0153 0.8968 0.4297 -0.6386 -0.1569 0.2684  236 HOH A O     
199 O  O     . HOH D . ? 0.4426 0.3021 0.5031 0.0904  -0.1839 0.0086  237 HOH A O     
200 O  O     . HOH D . ? 0.5509 0.4938 0.2589 -0.0255 -0.0034 -0.0413 238 HOH A O     
201 O  O     . HOH D . ? 0.4001 0.3942 0.2476 0.0249  -0.0406 -0.0123 239 HOH A O     
202 O  O     . HOH D . ? 0.6711 0.5223 0.4377 0.2249  0.0553  -0.1438 240 HOH A O     
203 O  O     . HOH D . ? 0.4738 0.3568 0.3328 0.0810  0.0005  0.0450  241 HOH A O     
204 O  O     . HOH D . ? 0.5300 0.4261 0.5727 0.0641  0.0267  0.1454  242 HOH A O     
205 O  O     . HOH D . ? 0.4949 0.5783 0.4499 -0.2589 -0.0356 -0.0615 243 HOH A O     
206 O  O     . HOH D . ? 0.4991 0.8461 0.8810 0.1351  0.0505  0.3273  244 HOH A O     
# 
